data_3R6N
#
_entry.id   3R6N
#
_cell.length_a   157.520
_cell.length_b   82.520
_cell.length_c   139.980
_cell.angle_alpha   90.000
_cell.angle_beta   125.540
_cell.angle_gamma   90.000
#
_symmetry.space_group_name_H-M   'C 1 2 1'
#
loop_
_entity.id
_entity.type
_entity.pdbx_description
1 polymer Desmoplakin
2 non-polymer (4S,5S)-1,2-DITHIANE-4,5-DIOL
3 non-polymer 2,3-DIHYDROXY-1,4-DITHIOBUTANE
#
_entity_poly.entity_id   1
_entity_poly.type   'polypeptide(L)'
_entity_poly.pdbx_seq_one_letter_code
;SGWDEFTKHVTSECLGWMRQQRAEMDMVAWGVDLASVEQHINSHRGIHNSIGDYRWQLDKIKADLREKSAIYQLEEEYEN
LLKASFERMDHLRQLQNIIQATSREIMWINDCEEEELLYDWSDKNTNIAQKQEAFSIRMSQLEVKEKELNKLKQESDQLV
LNQHPASDKIEAYMDTLQTQWSWILQITKCIDVHLKENAAYFQFFEEAQSTEAYLKGLQDSIRKKYPCDKNMPLQHLLEQ
IKELEKEREKILEYKRQVQNLVNKSKKIVQLKPRNPDYRSNKPIILRALCDYKQDQKIVHKGDECILKDNNERSKWYVTG
PGGVDMLVPSVGLIIPPPNPLAVDLSCKIEQYYEAILALWNQLYINMKSLVSWHYCMIDIEKIRAMTIAKLKTMRQEDYM
KTIADLELHYQEFIRNSQGSEMFGDDDKRKIQSQFTDAQKHYQTLVIQLP
;
_entity_poly.pdbx_strand_id   A,B
#
# COMPACT_ATOMS: atom_id res chain seq x y z
N SER A 1 14.21 -30.32 78.54
CA SER A 1 14.83 -30.17 79.86
C SER A 1 14.18 -31.10 80.90
N GLY A 2 14.91 -31.36 81.99
CA GLY A 2 14.44 -32.25 83.03
C GLY A 2 14.92 -33.68 82.87
N TRP A 3 15.43 -33.99 81.69
CA TRP A 3 15.86 -35.35 81.36
C TRP A 3 17.31 -35.62 81.72
N ASP A 4 17.76 -36.82 81.41
CA ASP A 4 19.16 -37.21 81.49
C ASP A 4 20.02 -36.23 80.68
N GLU A 5 21.23 -35.94 81.16
CA GLU A 5 22.10 -34.97 80.53
C GLU A 5 22.61 -35.41 79.16
N PHE A 6 22.78 -36.71 78.97
CA PHE A 6 23.18 -37.25 77.69
C PHE A 6 22.02 -37.20 76.71
N THR A 7 20.80 -37.25 77.25
CA THR A 7 19.59 -37.15 76.45
C THR A 7 19.34 -35.70 76.04
N LYS A 8 19.64 -34.77 76.94
CA LYS A 8 19.50 -33.34 76.65
C LYS A 8 20.48 -32.88 75.58
N HIS A 9 21.56 -33.62 75.40
CA HIS A 9 22.57 -33.27 74.40
C HIS A 9 22.23 -33.86 73.04
N VAL A 10 21.99 -35.17 73.01
CA VAL A 10 21.64 -35.88 71.79
C VAL A 10 20.37 -35.32 71.15
N THR A 11 19.42 -34.91 71.98
CA THR A 11 18.15 -34.39 71.48
C THR A 11 18.26 -32.93 71.04
N SER A 12 19.05 -32.14 71.77
CA SER A 12 19.26 -30.74 71.43
C SER A 12 19.96 -30.59 70.08
N GLU A 13 20.99 -31.40 69.86
CA GLU A 13 21.74 -31.35 68.62
C GLU A 13 20.88 -31.73 67.42
N CYS A 14 19.97 -32.68 67.63
CA CYS A 14 19.05 -33.09 66.58
C CYS A 14 18.05 -32.00 66.23
N LEU A 15 17.32 -31.53 67.23
CA LEU A 15 16.34 -30.47 67.03
C LEU A 15 17.02 -29.23 66.48
N GLY A 16 18.32 -29.11 66.74
CA GLY A 16 19.09 -27.97 66.29
C GLY A 16 19.44 -28.04 64.82
N TRP A 17 19.77 -29.24 64.35
CA TRP A 17 20.06 -29.43 62.94
C TRP A 17 18.77 -29.46 62.13
N MET A 18 17.75 -30.09 62.69
CA MET A 18 16.46 -30.20 62.02
C MET A 18 15.75 -28.86 61.86
N ARG A 19 16.08 -27.91 62.73
CA ARG A 19 15.46 -26.59 62.66
C ARG A 19 16.36 -25.61 61.92
N GLN A 20 17.65 -25.88 61.89
CA GLN A 20 18.55 -25.08 61.08
C GLN A 20 18.30 -25.36 59.60
N GLN A 21 17.71 -26.50 59.31
CA GLN A 21 17.32 -26.85 57.94
C GLN A 21 16.05 -26.12 57.54
N ARG A 22 15.13 -25.93 58.48
CA ARG A 22 13.91 -25.17 58.23
C ARG A 22 14.24 -23.72 57.97
N ALA A 23 15.20 -23.19 58.73
CA ALA A 23 15.62 -21.81 58.60
C ALA A 23 16.17 -21.57 57.19
N GLU A 24 17.04 -22.46 56.73
CA GLU A 24 17.66 -22.30 55.42
C GLU A 24 16.63 -22.33 54.29
N MET A 25 15.67 -23.25 54.38
CA MET A 25 14.69 -23.37 53.31
C MET A 25 13.52 -22.39 53.46
N ASP A 26 13.61 -21.49 54.42
CA ASP A 26 12.65 -20.41 54.54
C ASP A 26 13.30 -19.08 54.19
N MET A 27 14.62 -19.07 54.19
CA MET A 27 15.39 -17.88 53.85
C MET A 27 15.61 -17.79 52.35
N VAL A 28 14.87 -18.58 51.60
CA VAL A 28 14.94 -18.51 50.14
C VAL A 28 13.96 -17.46 49.66
N ALA A 29 14.41 -16.60 48.75
CA ALA A 29 13.57 -15.54 48.23
C ALA A 29 12.79 -16.02 47.02
N TRP A 30 11.51 -15.69 46.96
CA TRP A 30 10.66 -16.08 45.84
C TRP A 30 10.78 -15.09 44.68
N GLY A 31 11.17 -15.58 43.51
CA GLY A 31 11.35 -14.74 42.35
C GLY A 31 11.00 -15.44 41.06
N VAL A 32 10.68 -14.66 40.04
CA VAL A 32 10.31 -15.21 38.74
C VAL A 32 11.49 -15.26 37.79
N ASP A 33 12.66 -14.85 38.27
CA ASP A 33 13.88 -14.97 37.48
C ASP A 33 14.23 -16.43 37.30
N LEU A 34 13.86 -17.00 36.16
CA LEU A 34 14.03 -18.43 35.92
C LEU A 34 15.42 -18.94 36.31
N ALA A 35 16.43 -18.08 36.20
CA ALA A 35 17.79 -18.46 36.56
C ALA A 35 17.92 -18.73 38.07
N SER A 36 17.16 -17.97 38.86
CA SER A 36 17.11 -18.18 40.31
C SER A 36 16.34 -19.46 40.63
N VAL A 37 15.12 -19.53 40.12
CA VAL A 37 14.28 -20.71 40.29
C VAL A 37 15.08 -21.99 40.03
N GLU A 38 15.96 -21.96 39.03
CA GLU A 38 16.76 -23.12 38.67
C GLU A 38 17.76 -23.51 39.75
N GLN A 39 18.44 -22.51 40.30
CA GLN A 39 19.45 -22.75 41.32
C GLN A 39 18.82 -23.12 42.66
N HIS A 40 17.56 -22.72 42.83
CA HIS A 40 16.82 -23.05 44.04
C HIS A 40 16.30 -24.48 43.98
N ILE A 41 16.02 -24.97 42.78
CA ILE A 41 15.62 -26.35 42.58
C ILE A 41 16.77 -27.29 42.88
N ASN A 42 17.97 -26.92 42.41
CA ASN A 42 19.17 -27.71 42.67
C ASN A 42 19.59 -27.61 44.12
N SER A 43 19.57 -26.38 44.64
CA SER A 43 19.88 -26.10 46.03
C SER A 43 19.06 -27.02 46.94
N HIS A 44 17.73 -26.93 46.81
CA HIS A 44 16.83 -27.68 47.67
C HIS A 44 16.94 -29.19 47.48
N ARG A 45 17.15 -29.61 46.24
CA ARG A 45 17.33 -31.03 45.95
C ARG A 45 18.45 -31.60 46.82
N GLY A 46 19.44 -30.76 47.12
CA GLY A 46 20.56 -31.16 47.95
C GLY A 46 20.18 -31.24 49.42
N ILE A 47 19.24 -30.39 49.81
CA ILE A 47 18.77 -30.34 51.19
C ILE A 47 17.72 -31.40 51.44
N HIS A 48 16.90 -31.69 50.44
CA HIS A 48 15.85 -32.70 50.56
C HIS A 48 16.45 -34.10 50.66
N ASN A 49 17.31 -34.44 49.71
CA ASN A 49 17.98 -35.74 49.73
C ASN A 49 18.88 -35.88 50.95
N SER A 50 19.12 -34.76 51.63
CA SER A 50 19.96 -34.73 52.82
C SER A 50 19.16 -35.15 54.05
N ILE A 51 17.95 -34.62 54.18
CA ILE A 51 17.09 -34.94 55.31
C ILE A 51 16.38 -36.26 55.09
N GLY A 52 16.25 -36.66 53.82
CA GLY A 52 15.69 -37.96 53.49
C GLY A 52 16.64 -39.04 53.98
N ASP A 53 17.94 -38.76 53.86
CA ASP A 53 18.96 -39.69 54.32
C ASP A 53 19.10 -39.64 55.83
N TYR A 54 18.62 -38.55 56.42
CA TYR A 54 18.75 -38.35 57.86
C TYR A 54 17.80 -39.23 58.66
N ARG A 55 16.84 -39.86 57.98
CA ARG A 55 15.87 -40.71 58.66
C ARG A 55 16.58 -41.85 59.37
N TRP A 56 17.63 -42.37 58.75
CA TRP A 56 18.39 -43.49 59.32
C TRP A 56 19.34 -43.03 60.42
N GLN A 57 19.91 -41.84 60.25
CA GLN A 57 20.73 -41.26 61.31
C GLN A 57 19.84 -41.04 62.53
N LEU A 58 18.58 -40.73 62.26
CA LEU A 58 17.60 -40.49 63.31
C LEU A 58 17.13 -41.79 63.95
N ASP A 59 17.00 -42.83 63.15
CA ASP A 59 16.59 -44.13 63.65
C ASP A 59 17.60 -44.63 64.69
N LYS A 60 18.88 -44.56 64.35
CA LYS A 60 19.96 -44.95 65.26
C LYS A 60 19.86 -44.20 66.58
N ILE A 61 19.45 -42.95 66.51
CA ILE A 61 19.41 -42.08 67.68
C ILE A 61 18.22 -42.37 68.60
N LYS A 62 17.08 -42.73 68.00
CA LYS A 62 15.89 -43.07 68.78
C LYS A 62 16.06 -44.44 69.45
N ALA A 63 17.01 -45.22 68.95
CA ALA A 63 17.28 -46.56 69.48
C ALA A 63 18.10 -46.49 70.76
N ASP A 64 18.92 -45.45 70.87
CA ASP A 64 19.77 -45.26 72.04
C ASP A 64 19.00 -44.60 73.17
N LEU A 65 18.13 -43.66 72.82
CA LEU A 65 17.32 -42.96 73.81
C LEU A 65 16.37 -43.89 74.53
N ARG A 66 15.84 -43.43 75.66
CA ARG A 66 14.85 -44.18 76.42
C ARG A 66 13.83 -43.23 76.99
N GLU A 67 14.15 -41.95 76.95
CA GLU A 67 13.25 -40.91 77.44
C GLU A 67 11.99 -40.87 76.60
N LYS A 68 10.85 -40.93 77.28
CA LYS A 68 9.55 -41.05 76.63
C LYS A 68 9.24 -39.90 75.67
N SER A 69 9.30 -38.67 76.19
CA SER A 69 8.97 -37.49 75.40
C SER A 69 9.98 -37.24 74.29
N ALA A 70 11.26 -37.25 74.66
CA ALA A 70 12.34 -37.01 73.71
C ALA A 70 12.10 -37.71 72.38
N ILE A 71 11.89 -39.02 72.43
CA ILE A 71 11.67 -39.82 71.23
C ILE A 71 10.50 -39.30 70.41
N TYR A 72 9.39 -39.04 71.09
CA TYR A 72 8.20 -38.53 70.42
C TYR A 72 8.46 -37.16 69.81
N GLN A 73 9.10 -36.28 70.59
CA GLN A 73 9.39 -34.93 70.14
C GLN A 73 10.30 -34.89 68.91
N LEU A 74 11.25 -35.81 68.86
CA LEU A 74 12.16 -35.89 67.72
C LEU A 74 11.40 -36.36 66.48
N GLU A 75 10.60 -37.40 66.65
CA GLU A 75 9.85 -37.97 65.54
C GLU A 75 8.84 -36.97 64.99
N GLU A 76 8.29 -36.15 65.87
CA GLU A 76 7.27 -35.17 65.49
C GLU A 76 7.92 -34.03 64.72
N GLU A 77 9.14 -33.68 65.09
CA GLU A 77 9.88 -32.64 64.41
C GLU A 77 10.33 -33.11 63.03
N TYR A 78 10.83 -34.33 62.96
CA TYR A 78 11.31 -34.87 61.69
C TYR A 78 10.19 -35.03 60.68
N GLU A 79 9.07 -35.59 61.12
CA GLU A 79 7.93 -35.82 60.24
C GLU A 79 7.37 -34.50 59.74
N ASN A 80 7.56 -33.45 60.53
CA ASN A 80 7.11 -32.11 60.19
C ASN A 80 8.04 -31.47 59.15
N LEU A 81 9.34 -31.64 59.34
CA LEU A 81 10.35 -31.16 58.40
C LEU A 81 10.18 -31.86 57.06
N LEU A 82 10.14 -33.18 57.11
CA LEU A 82 10.03 -34.00 55.92
C LEU A 82 8.84 -33.59 55.06
N LYS A 83 7.72 -33.28 55.72
CA LYS A 83 6.51 -32.88 55.03
C LYS A 83 6.71 -31.55 54.32
N ALA A 84 7.29 -30.60 55.03
CA ALA A 84 7.57 -29.28 54.49
C ALA A 84 8.56 -29.37 53.35
N SER A 85 9.54 -30.26 53.49
CA SER A 85 10.55 -30.45 52.46
C SER A 85 9.92 -30.89 51.15
N PHE A 86 8.99 -31.84 51.22
CA PHE A 86 8.28 -32.28 50.02
C PHE A 86 7.50 -31.14 49.39
N GLU A 87 6.72 -30.44 50.21
CA GLU A 87 5.87 -29.37 49.72
C GLU A 87 6.67 -28.23 49.11
N ARG A 88 7.92 -28.08 49.54
CA ARG A 88 8.81 -27.06 48.98
C ARG A 88 9.27 -27.48 47.59
N MET A 89 9.67 -28.74 47.47
CA MET A 89 10.11 -29.28 46.20
C MET A 89 9.00 -29.14 45.16
N ASP A 90 7.76 -29.19 45.63
CA ASP A 90 6.60 -29.08 44.75
C ASP A 90 6.28 -27.63 44.42
N HIS A 91 6.41 -26.75 45.40
CA HIS A 91 6.15 -25.32 45.19
C HIS A 91 7.13 -24.75 44.17
N LEU A 92 8.38 -25.16 44.27
CA LEU A 92 9.39 -24.76 43.30
C LEU A 92 9.00 -25.25 41.91
N ARG A 93 8.71 -26.54 41.80
CA ARG A 93 8.27 -27.13 40.54
C ARG A 93 7.14 -26.35 39.91
N GLN A 94 6.01 -26.26 40.62
CA GLN A 94 4.83 -25.55 40.15
C GLN A 94 5.22 -24.16 39.64
N LEU A 95 6.10 -23.48 40.36
CA LEU A 95 6.54 -22.14 39.97
C LEU A 95 7.24 -22.17 38.63
N GLN A 96 8.31 -22.96 38.53
CA GLN A 96 9.09 -23.05 37.32
C GLN A 96 8.18 -23.29 36.11
N ASN A 97 7.28 -24.26 36.22
CA ASN A 97 6.34 -24.52 35.14
C ASN A 97 5.56 -23.28 34.73
N ILE A 98 4.80 -22.72 35.67
CA ILE A 98 3.93 -21.59 35.37
C ILE A 98 4.71 -20.41 34.77
N ILE A 99 5.92 -20.19 35.24
CA ILE A 99 6.73 -19.08 34.73
C ILE A 99 7.28 -19.35 33.34
N GLN A 100 7.89 -20.52 33.16
CA GLN A 100 8.39 -20.93 31.85
C GLN A 100 7.30 -20.76 30.80
N ALA A 101 6.12 -21.30 31.10
CA ALA A 101 4.99 -21.21 30.19
C ALA A 101 4.65 -19.75 29.86
N THR A 102 4.42 -18.96 30.90
CA THR A 102 4.06 -17.56 30.73
C THR A 102 5.17 -16.78 30.03
N SER A 103 6.40 -17.20 30.29
CA SER A 103 7.55 -16.53 29.72
C SER A 103 7.55 -16.71 28.20
N ARG A 104 7.35 -17.94 27.74
CA ARG A 104 7.31 -18.24 26.32
C ARG A 104 6.06 -17.69 25.66
N GLU A 105 4.99 -17.55 26.44
CA GLU A 105 3.74 -17.05 25.93
C GLU A 105 3.80 -15.56 25.67
N ILE A 106 4.62 -14.86 26.45
CA ILE A 106 4.79 -13.43 26.29
C ILE A 106 5.64 -13.12 25.06
N MET A 107 6.67 -13.93 24.83
CA MET A 107 7.52 -13.72 23.68
C MET A 107 6.74 -13.90 22.39
N TRP A 108 5.78 -14.83 22.41
CA TRP A 108 4.97 -15.11 21.24
C TRP A 108 4.15 -13.88 20.87
N ILE A 109 3.46 -13.32 21.85
CA ILE A 109 2.64 -12.14 21.63
C ILE A 109 3.53 -10.97 21.23
N ASN A 110 4.65 -10.80 21.93
CA ASN A 110 5.60 -9.74 21.62
C ASN A 110 6.06 -9.78 20.17
N ASP A 111 6.36 -10.98 19.68
CA ASP A 111 6.78 -11.15 18.29
C ASP A 111 5.65 -10.81 17.33
N CYS A 112 4.43 -11.19 17.68
CA CYS A 112 3.27 -10.80 16.89
C CYS A 112 3.18 -9.29 16.84
N GLU A 113 3.39 -8.66 17.99
CA GLU A 113 3.31 -7.22 18.08
C GLU A 113 4.40 -6.58 17.25
N GLU A 114 5.63 -7.07 17.39
CA GLU A 114 6.77 -6.51 16.70
C GLU A 114 6.54 -6.50 15.19
N GLU A 115 5.79 -7.48 14.73
CA GLU A 115 5.50 -7.63 13.31
C GLU A 115 4.58 -6.52 12.82
N GLU A 116 3.44 -6.38 13.48
CA GLU A 116 2.45 -5.37 13.09
C GLU A 116 2.95 -3.96 13.32
N LEU A 117 3.88 -3.84 14.28
CA LEU A 117 4.47 -2.57 14.65
C LEU A 117 5.33 -2.01 13.52
N LEU A 118 6.04 -2.91 12.84
CA LEU A 118 6.97 -2.53 11.77
C LEU A 118 6.34 -2.54 10.39
N TYR A 119 5.06 -2.87 10.30
CA TYR A 119 4.37 -2.92 9.02
C TYR A 119 4.24 -1.53 8.41
N ASP A 120 4.29 -1.47 7.08
CA ASP A 120 4.20 -0.21 6.35
C ASP A 120 2.78 0.03 5.83
N TRP A 121 2.14 1.09 6.31
CA TRP A 121 0.76 1.39 5.92
C TRP A 121 0.64 2.62 5.03
N SER A 122 1.76 3.08 4.49
CA SER A 122 1.77 4.23 3.61
C SER A 122 1.19 3.86 2.25
N ASP A 123 1.32 4.77 1.30
CA ASP A 123 0.86 4.54 -0.07
C ASP A 123 1.77 3.60 -0.84
N LYS A 124 3.02 3.47 -0.39
CA LYS A 124 3.98 2.57 -1.03
C LYS A 124 3.56 1.10 -0.90
N ASN A 125 2.72 0.81 0.09
CA ASN A 125 2.25 -0.57 0.28
C ASN A 125 0.86 -0.77 -0.30
N THR A 126 0.80 -1.37 -1.48
CA THR A 126 -0.46 -1.56 -2.19
C THR A 126 -1.08 -2.92 -1.91
N ASN A 127 -0.31 -3.81 -1.29
CA ASN A 127 -0.74 -5.19 -1.08
C ASN A 127 -1.73 -5.38 0.06
N ILE A 128 -2.81 -4.60 0.05
CA ILE A 128 -3.88 -4.78 1.02
C ILE A 128 -4.59 -6.10 0.74
N ALA A 129 -4.05 -6.86 -0.20
CA ALA A 129 -4.59 -8.17 -0.53
C ALA A 129 -3.80 -9.24 0.22
N GLN A 130 -2.48 -9.20 0.09
CA GLN A 130 -1.61 -10.10 0.85
C GLN A 130 -1.93 -9.94 2.33
N LYS A 131 -1.87 -8.70 2.78
CA LYS A 131 -2.07 -8.38 4.19
C LYS A 131 -3.42 -8.87 4.70
N GLN A 132 -4.46 -8.68 3.90
CA GLN A 132 -5.81 -9.05 4.32
C GLN A 132 -5.89 -10.52 4.70
N GLU A 133 -5.26 -11.38 3.91
CA GLU A 133 -5.33 -12.81 4.17
C GLU A 133 -4.38 -13.24 5.29
N ALA A 134 -3.14 -12.74 5.24
CA ALA A 134 -2.16 -13.04 6.27
C ALA A 134 -2.70 -12.68 7.65
N PHE A 135 -3.51 -11.63 7.70
CA PHE A 135 -4.12 -11.16 8.94
C PHE A 135 -5.18 -12.13 9.42
N SER A 136 -6.05 -12.58 8.52
CA SER A 136 -7.09 -13.54 8.87
C SER A 136 -6.50 -14.84 9.39
N ILE A 137 -5.33 -15.21 8.86
CA ILE A 137 -4.59 -16.36 9.36
C ILE A 137 -4.19 -16.12 10.80
N ARG A 138 -3.70 -14.91 11.09
CA ARG A 138 -3.25 -14.58 12.43
C ARG A 138 -4.41 -14.49 13.40
N MET A 139 -5.51 -13.88 12.97
CA MET A 139 -6.70 -13.79 13.81
C MET A 139 -7.17 -15.19 14.22
N SER A 140 -6.90 -16.18 13.36
CA SER A 140 -7.21 -17.57 13.69
C SER A 140 -6.18 -18.10 14.70
N GLN A 141 -4.91 -17.84 14.42
CA GLN A 141 -3.83 -18.22 15.33
C GLN A 141 -4.09 -17.64 16.72
N LEU A 142 -4.67 -16.44 16.75
CA LEU A 142 -4.97 -15.76 18.00
C LEU A 142 -6.14 -16.40 18.73
N GLU A 143 -7.22 -16.68 18.02
CA GLU A 143 -8.36 -17.37 18.62
C GLU A 143 -7.90 -18.69 19.20
N VAL A 144 -6.83 -19.23 18.62
CA VAL A 144 -6.22 -20.44 19.14
C VAL A 144 -5.47 -20.14 20.45
N LYS A 145 -4.68 -19.08 20.45
CA LYS A 145 -3.91 -18.70 21.65
C LYS A 145 -4.81 -18.42 22.84
N GLU A 146 -5.89 -17.67 22.64
CA GLU A 146 -6.77 -17.33 23.75
C GLU A 146 -7.18 -18.58 24.54
N LYS A 147 -7.34 -19.69 23.84
CA LYS A 147 -7.64 -20.97 24.47
C LYS A 147 -6.49 -21.39 25.38
N GLU A 148 -5.30 -21.48 24.78
CA GLU A 148 -4.09 -21.88 25.50
C GLU A 148 -3.81 -20.96 26.69
N LEU A 149 -4.12 -19.69 26.53
CA LEU A 149 -3.93 -18.70 27.58
C LEU A 149 -4.99 -18.82 28.68
N ASN A 150 -6.22 -19.07 28.26
CA ASN A 150 -7.32 -19.23 29.20
C ASN A 150 -7.07 -20.34 30.22
N LYS A 151 -6.60 -21.49 29.76
CA LYS A 151 -6.33 -22.60 30.65
C LYS A 151 -5.01 -22.44 31.39
N LEU A 152 -4.14 -21.57 30.86
CA LEU A 152 -2.90 -21.25 31.56
C LEU A 152 -3.20 -20.40 32.79
N LYS A 153 -4.21 -19.55 32.69
CA LYS A 153 -4.63 -18.77 33.85
C LYS A 153 -5.40 -19.65 34.83
N GLN A 154 -6.13 -20.62 34.32
CA GLN A 154 -6.89 -21.53 35.17
C GLN A 154 -5.94 -22.41 35.96
N GLU A 155 -4.74 -22.61 35.43
CA GLU A 155 -3.69 -23.34 36.12
C GLU A 155 -3.04 -22.45 37.17
N SER A 156 -3.04 -21.15 36.90
CA SER A 156 -2.42 -20.18 37.78
C SER A 156 -3.30 -19.84 38.97
N ASP A 157 -4.58 -19.62 38.71
CA ASP A 157 -5.54 -19.32 39.77
C ASP A 157 -5.58 -20.42 40.80
N GLN A 158 -5.37 -21.66 40.34
CA GLN A 158 -5.37 -22.82 41.22
C GLN A 158 -4.22 -22.73 42.24
N LEU A 159 -3.08 -22.22 41.78
CA LEU A 159 -1.90 -22.06 42.63
C LEU A 159 -2.08 -20.97 43.68
N VAL A 160 -2.86 -19.95 43.33
CA VAL A 160 -3.18 -18.88 44.26
C VAL A 160 -4.21 -19.39 45.27
N LEU A 161 -5.11 -20.23 44.79
CA LEU A 161 -6.15 -20.82 45.63
C LEU A 161 -5.52 -21.70 46.70
N ASN A 162 -4.39 -22.33 46.35
CA ASN A 162 -3.69 -23.19 47.29
C ASN A 162 -2.62 -22.43 48.07
N GLN A 163 -2.81 -21.12 48.20
CA GLN A 163 -1.86 -20.27 48.89
C GLN A 163 -0.40 -20.63 48.61
N HIS A 164 -0.03 -20.63 47.34
CA HIS A 164 1.35 -20.84 46.95
C HIS A 164 2.20 -19.70 47.53
N PRO A 165 3.32 -20.06 48.18
CA PRO A 165 4.18 -19.06 48.82
C PRO A 165 4.56 -17.91 47.89
N ALA A 166 4.43 -18.11 46.59
CA ALA A 166 4.77 -17.04 45.64
C ALA A 166 3.56 -16.52 44.88
N SER A 167 2.37 -16.71 45.44
CA SER A 167 1.12 -16.31 44.77
C SER A 167 1.22 -14.90 44.19
N ASP A 168 1.47 -13.93 45.06
CA ASP A 168 1.51 -12.54 44.66
C ASP A 168 2.49 -12.31 43.51
N LYS A 169 3.60 -13.04 43.51
CA LYS A 169 4.63 -12.84 42.51
C LYS A 169 4.29 -13.45 41.15
N ILE A 170 3.49 -14.50 41.14
CA ILE A 170 3.06 -15.06 39.87
C ILE A 170 1.85 -14.31 39.30
N GLU A 171 0.94 -13.88 40.15
CA GLU A 171 -0.18 -13.07 39.69
C GLU A 171 0.35 -11.80 39.03
N ALA A 172 1.53 -11.35 39.48
CA ALA A 172 2.16 -10.17 38.92
C ALA A 172 2.69 -10.47 37.52
N TYR A 173 3.27 -11.66 37.37
CA TYR A 173 3.81 -12.07 36.09
C TYR A 173 2.68 -12.25 35.09
N MET A 174 1.57 -12.83 35.57
CA MET A 174 0.38 -13.01 34.74
C MET A 174 -0.19 -11.66 34.34
N ASP A 175 -0.18 -10.71 35.26
CA ASP A 175 -0.59 -9.34 34.96
C ASP A 175 0.13 -8.85 33.72
N THR A 176 1.44 -9.11 33.67
CA THR A 176 2.25 -8.76 32.52
C THR A 176 1.66 -9.38 31.26
N LEU A 177 1.50 -10.70 31.27
CA LEU A 177 0.89 -11.41 30.16
C LEU A 177 -0.41 -10.73 29.71
N GLN A 178 -1.34 -10.57 30.66
CA GLN A 178 -2.61 -9.91 30.38
C GLN A 178 -2.41 -8.59 29.65
N THR A 179 -1.46 -7.78 30.13
CA THR A 179 -1.19 -6.48 29.54
C THR A 179 -0.78 -6.60 28.08
N GLN A 180 0.13 -7.53 27.79
CA GLN A 180 0.57 -7.75 26.43
C GLN A 180 -0.57 -8.24 25.54
N TRP A 181 -1.36 -9.16 26.07
CA TRP A 181 -2.49 -9.71 25.36
C TRP A 181 -3.49 -8.63 24.97
N SER A 182 -3.89 -7.83 25.95
CA SER A 182 -4.87 -6.77 25.71
C SER A 182 -4.38 -5.82 24.61
N TRP A 183 -3.07 -5.58 24.61
CA TRP A 183 -2.45 -4.66 23.66
C TRP A 183 -2.42 -5.24 22.25
N ILE A 184 -2.13 -6.53 22.12
CA ILE A 184 -2.11 -7.17 20.81
C ILE A 184 -3.50 -7.15 20.13
N LEU A 185 -4.55 -7.20 20.94
CA LEU A 185 -5.92 -7.17 20.43
C LEU A 185 -6.30 -5.75 20.01
N GLN A 186 -5.68 -4.77 20.66
CA GLN A 186 -5.92 -3.39 20.31
C GLN A 186 -5.33 -3.12 18.94
N ILE A 187 -4.15 -3.67 18.71
CA ILE A 187 -3.47 -3.54 17.44
C ILE A 187 -4.31 -4.18 16.33
N THR A 188 -4.88 -5.34 16.60
CA THR A 188 -5.70 -6.03 15.62
C THR A 188 -6.97 -5.24 15.32
N LYS A 189 -7.47 -4.52 16.31
CA LYS A 189 -8.70 -3.76 16.13
C LYS A 189 -8.46 -2.58 15.21
N CYS A 190 -7.26 -2.04 15.25
CA CYS A 190 -6.94 -0.88 14.43
C CYS A 190 -6.23 -1.28 13.13
N ILE A 191 -5.82 -2.53 13.06
CA ILE A 191 -5.33 -3.10 11.80
C ILE A 191 -6.52 -3.35 10.86
N ASP A 192 -7.65 -3.73 11.43
CA ASP A 192 -8.85 -3.91 10.63
C ASP A 192 -9.29 -2.59 10.02
N VAL A 193 -8.94 -1.49 10.66
CA VAL A 193 -9.34 -0.17 10.19
C VAL A 193 -8.43 0.34 9.09
N HIS A 194 -7.13 0.06 9.21
CA HIS A 194 -6.20 0.40 8.14
C HIS A 194 -6.60 -0.34 6.87
N LEU A 195 -6.78 -1.65 7.00
CA LEU A 195 -7.19 -2.48 5.88
C LEU A 195 -8.40 -1.91 5.15
N LYS A 196 -9.34 -1.34 5.90
CA LYS A 196 -10.55 -0.78 5.31
C LYS A 196 -10.29 0.56 4.61
N GLU A 197 -9.69 1.50 5.34
CA GLU A 197 -9.41 2.81 4.79
C GLU A 197 -8.41 2.74 3.65
N ASN A 198 -7.35 1.98 3.84
CA ASN A 198 -6.35 1.79 2.79
C ASN A 198 -6.93 1.14 1.54
N ALA A 199 -7.86 0.21 1.73
CA ALA A 199 -8.57 -0.38 0.61
C ALA A 199 -9.29 0.74 -0.14
N ALA A 200 -10.13 1.49 0.58
CA ALA A 200 -10.86 2.61 0.00
C ALA A 200 -9.92 3.58 -0.72
N TYR A 201 -8.84 3.97 -0.04
CA TYR A 201 -7.86 4.89 -0.60
C TYR A 201 -7.40 4.46 -1.99
N PHE A 202 -7.11 3.17 -2.15
CA PHE A 202 -6.66 2.68 -3.44
C PHE A 202 -7.82 2.49 -4.42
N GLN A 203 -8.96 2.06 -3.91
CA GLN A 203 -10.13 1.87 -4.75
C GLN A 203 -10.50 3.21 -5.38
N PHE A 204 -10.44 4.26 -4.58
CA PHE A 204 -10.88 5.59 -5.01
C PHE A 204 -10.03 6.15 -6.15
N PHE A 205 -8.72 6.13 -5.98
CA PHE A 205 -7.84 6.68 -7.00
C PHE A 205 -7.84 5.83 -8.27
N GLU A 206 -8.03 4.52 -8.12
CA GLU A 206 -8.11 3.63 -9.26
C GLU A 206 -9.33 3.97 -10.11
N GLU A 207 -10.45 4.24 -9.44
CA GLU A 207 -11.70 4.54 -10.12
C GLU A 207 -11.73 5.97 -10.62
N ALA A 208 -11.14 6.89 -9.87
CA ALA A 208 -11.13 8.30 -10.22
C ALA A 208 -10.25 8.58 -11.43
N GLN A 209 -9.00 8.14 -11.37
CA GLN A 209 -8.06 8.33 -12.48
C GLN A 209 -8.59 7.68 -13.75
N SER A 210 -9.48 6.71 -13.59
CA SER A 210 -10.09 6.01 -14.71
C SER A 210 -11.33 6.73 -15.23
N THR A 211 -11.98 7.49 -14.35
CA THR A 211 -13.12 8.29 -14.72
C THR A 211 -12.65 9.60 -15.33
N GLU A 212 -11.59 10.16 -14.76
CA GLU A 212 -10.99 11.39 -15.27
C GLU A 212 -10.48 11.18 -16.68
N ALA A 213 -9.92 10.00 -16.94
CA ALA A 213 -9.39 9.67 -18.26
C ALA A 213 -10.54 9.52 -19.26
N TYR A 214 -11.72 9.16 -18.74
CA TYR A 214 -12.90 8.95 -19.57
C TYR A 214 -13.53 10.28 -19.99
N LEU A 215 -13.87 11.09 -19.01
CA LEU A 215 -14.59 12.34 -19.25
C LEU A 215 -13.71 13.36 -19.99
N LYS A 216 -12.41 13.14 -19.99
CA LYS A 216 -11.52 14.03 -20.70
C LYS A 216 -11.41 13.56 -22.15
N GLY A 217 -11.38 12.25 -22.33
CA GLY A 217 -11.31 11.66 -23.66
C GLY A 217 -12.67 11.54 -24.30
N LEU A 218 -13.70 11.99 -23.60
CA LEU A 218 -15.05 12.00 -24.12
C LEU A 218 -15.37 13.38 -24.67
N GLN A 219 -14.74 14.39 -24.08
CA GLN A 219 -14.90 15.77 -24.53
C GLN A 219 -14.41 15.93 -25.97
N ASP A 220 -13.49 15.06 -26.38
CA ASP A 220 -12.96 15.09 -27.74
C ASP A 220 -13.68 14.08 -28.63
N SER A 221 -13.99 12.92 -28.07
CA SER A 221 -14.69 11.87 -28.80
C SER A 221 -15.99 12.38 -29.42
N ILE A 222 -16.81 13.02 -28.59
CA ILE A 222 -18.11 13.51 -29.01
C ILE A 222 -18.00 14.55 -30.14
N ARG A 223 -17.17 15.56 -29.94
CA ARG A 223 -17.03 16.65 -30.89
C ARG A 223 -16.70 16.15 -32.29
N LYS A 224 -16.02 15.01 -32.35
CA LYS A 224 -15.65 14.40 -33.63
C LYS A 224 -16.78 13.53 -34.16
N LYS A 225 -17.56 12.96 -33.27
CA LYS A 225 -18.68 12.09 -33.65
C LYS A 225 -19.86 12.92 -34.16
N TYR A 226 -19.93 14.17 -33.74
CA TYR A 226 -21.02 15.06 -34.16
C TYR A 226 -20.48 16.38 -34.67
N PRO A 227 -20.21 16.46 -35.99
CA PRO A 227 -19.81 17.72 -36.62
C PRO A 227 -21.05 18.50 -37.02
N CYS A 228 -20.96 19.83 -36.99
CA CYS A 228 -22.11 20.66 -37.30
C CYS A 228 -21.80 21.68 -38.40
N ASP A 229 -22.11 21.31 -39.64
CA ASP A 229 -21.94 22.23 -40.75
C ASP A 229 -23.29 22.55 -41.39
N LYS A 230 -23.37 23.72 -42.02
CA LYS A 230 -24.63 24.22 -42.57
C LYS A 230 -25.12 23.43 -43.78
N ASN A 231 -24.28 22.56 -44.31
CA ASN A 231 -24.60 21.87 -45.56
C ASN A 231 -25.06 20.42 -45.37
N MET A 232 -25.48 20.08 -44.16
CA MET A 232 -25.99 18.74 -43.89
C MET A 232 -27.46 18.62 -44.28
N PRO A 233 -27.82 17.50 -44.92
CA PRO A 233 -29.21 17.23 -45.32
C PRO A 233 -30.14 17.10 -44.12
N LEU A 234 -31.43 17.33 -44.33
CA LEU A 234 -32.42 17.33 -43.26
C LEU A 234 -32.55 15.98 -42.56
N GLN A 235 -32.59 14.91 -43.35
CA GLN A 235 -32.74 13.57 -42.80
C GLN A 235 -31.60 13.24 -41.84
N HIS A 236 -30.38 13.34 -42.35
CA HIS A 236 -29.18 13.07 -41.56
C HIS A 236 -29.20 13.76 -40.20
N LEU A 237 -29.69 15.00 -40.18
CA LEU A 237 -29.76 15.79 -38.94
C LEU A 237 -30.67 15.15 -37.91
N LEU A 238 -31.90 14.85 -38.30
CA LEU A 238 -32.89 14.29 -37.39
C LEU A 238 -32.41 12.98 -36.77
N GLU A 239 -31.57 12.25 -37.50
CA GLU A 239 -31.04 10.98 -37.03
C GLU A 239 -29.86 11.21 -36.09
N GLN A 240 -29.08 12.25 -36.37
CA GLN A 240 -27.97 12.64 -35.50
C GLN A 240 -28.49 13.14 -34.17
N ILE A 241 -29.59 13.89 -34.21
CA ILE A 241 -30.21 14.41 -33.00
C ILE A 241 -30.75 13.28 -32.13
N LYS A 242 -31.26 12.23 -32.76
CA LYS A 242 -31.79 11.10 -32.02
C LYS A 242 -30.68 10.36 -31.28
N GLU A 243 -29.54 10.17 -31.93
CA GLU A 243 -28.38 9.59 -31.27
C GLU A 243 -27.85 10.55 -30.21
N LEU A 244 -27.92 11.84 -30.51
CA LEU A 244 -27.44 12.87 -29.61
C LEU A 244 -28.24 12.88 -28.32
N GLU A 245 -29.45 12.34 -28.36
CA GLU A 245 -30.30 12.30 -27.17
C GLU A 245 -30.09 11.02 -26.37
N LYS A 246 -29.59 10.00 -27.04
CA LYS A 246 -29.17 8.78 -26.35
C LYS A 246 -27.93 9.09 -25.54
N GLU A 247 -27.09 9.97 -26.07
CA GLU A 247 -25.84 10.35 -25.42
C GLU A 247 -26.10 11.06 -24.10
N ARG A 248 -27.06 11.98 -24.10
CA ARG A 248 -27.36 12.74 -22.89
C ARG A 248 -27.76 11.80 -21.76
N GLU A 249 -28.54 10.77 -22.08
CA GLU A 249 -28.95 9.80 -21.10
C GLU A 249 -27.74 9.16 -20.46
N LYS A 250 -26.74 8.84 -21.28
CA LYS A 250 -25.53 8.21 -20.78
C LYS A 250 -24.70 9.14 -19.91
N ILE A 251 -24.70 10.42 -20.25
CA ILE A 251 -23.95 11.38 -19.45
C ILE A 251 -24.76 11.84 -18.24
N LEU A 252 -25.93 11.26 -18.07
CA LEU A 252 -26.70 11.45 -16.85
C LEU A 252 -26.41 10.31 -15.89
N GLU A 253 -25.94 9.20 -16.45
CA GLU A 253 -25.51 8.05 -15.67
C GLU A 253 -24.12 8.34 -15.09
N TYR A 254 -23.40 9.25 -15.75
CA TYR A 254 -22.11 9.69 -15.26
C TYR A 254 -22.30 10.58 -14.03
N LYS A 255 -23.24 11.52 -14.13
CA LYS A 255 -23.53 12.43 -13.04
C LYS A 255 -23.71 11.68 -11.72
N ARG A 256 -24.30 10.48 -11.80
CA ARG A 256 -24.50 9.64 -10.63
C ARG A 256 -23.20 8.93 -10.23
N GLN A 257 -22.45 8.49 -11.22
CA GLN A 257 -21.14 7.89 -10.98
C GLN A 257 -20.19 8.95 -10.42
N VAL A 258 -20.29 10.15 -10.97
CA VAL A 258 -19.43 11.27 -10.59
C VAL A 258 -19.77 11.75 -9.19
N GLN A 259 -21.05 11.87 -8.90
CA GLN A 259 -21.49 12.31 -7.58
C GLN A 259 -21.04 11.34 -6.50
N ASN A 260 -20.92 10.06 -6.85
CA ASN A 260 -20.39 9.08 -5.91
C ASN A 260 -18.94 9.36 -5.53
N LEU A 261 -18.13 9.70 -6.52
CA LEU A 261 -16.74 10.04 -6.30
C LEU A 261 -16.61 11.30 -5.45
N VAL A 262 -17.46 12.29 -5.71
CA VAL A 262 -17.45 13.50 -4.90
C VAL A 262 -17.60 13.15 -3.42
N ASN A 263 -18.52 12.23 -3.13
CA ASN A 263 -18.78 11.83 -1.76
C ASN A 263 -17.62 11.03 -1.14
N LYS A 264 -17.18 9.99 -1.82
CA LYS A 264 -16.06 9.19 -1.35
C LYS A 264 -14.85 10.03 -0.99
N SER A 265 -14.49 10.96 -1.87
CA SER A 265 -13.32 11.80 -1.67
C SER A 265 -13.32 12.43 -0.28
N LYS A 266 -14.50 12.82 0.19
CA LYS A 266 -14.65 13.46 1.50
C LYS A 266 -14.31 12.50 2.63
N LYS A 267 -14.18 11.22 2.30
CA LYS A 267 -13.93 10.19 3.31
C LYS A 267 -12.57 9.50 3.15
N ILE A 268 -11.88 9.79 2.05
CA ILE A 268 -10.59 9.16 1.78
C ILE A 268 -9.51 9.63 2.75
N VAL A 269 -8.84 8.67 3.36
CA VAL A 269 -7.84 8.94 4.38
C VAL A 269 -6.52 9.43 3.76
N GLN A 270 -5.55 9.78 4.59
CA GLN A 270 -4.24 10.23 4.10
C GLN A 270 -3.14 9.21 4.39
N LEU A 271 -2.36 8.87 3.37
CA LEU A 271 -1.31 7.87 3.50
C LEU A 271 0.11 8.42 3.36
N LYS A 272 0.30 9.36 2.44
CA LYS A 272 1.66 9.85 2.18
C LYS A 272 2.39 10.34 3.43
N PRO A 273 1.68 11.08 4.30
CA PRO A 273 2.34 11.60 5.50
C PRO A 273 2.88 10.52 6.43
N ARG A 274 2.50 9.26 6.19
CA ARG A 274 3.01 8.16 7.02
C ARG A 274 4.49 7.94 6.77
N ASN A 275 4.96 8.35 5.60
CA ASN A 275 6.38 8.26 5.25
C ASN A 275 7.21 9.37 5.88
N PRO A 276 8.39 9.00 6.39
CA PRO A 276 9.26 9.90 7.15
C PRO A 276 9.75 11.07 6.31
N ASP A 277 9.74 10.89 4.99
CA ASP A 277 10.29 11.86 4.07
C ASP A 277 9.29 12.89 3.55
N TYR A 278 8.00 12.60 3.69
CA TYR A 278 6.93 13.50 3.22
C TYR A 278 6.99 14.84 3.92
N ARG A 279 6.93 15.92 3.13
CA ARG A 279 7.00 17.27 3.69
C ARG A 279 5.78 18.10 3.31
N SER A 280 5.24 18.82 4.28
CA SER A 280 4.09 19.69 4.04
C SER A 280 4.15 20.96 4.87
N ASN A 281 3.44 21.99 4.41
CA ASN A 281 3.39 23.27 5.12
C ASN A 281 2.28 23.29 6.15
N LYS A 282 1.27 22.45 5.93
CA LYS A 282 0.16 22.31 6.87
C LYS A 282 0.47 21.20 7.86
N PRO A 283 0.20 21.44 9.16
CA PRO A 283 0.47 20.44 10.19
C PRO A 283 -0.41 19.20 9.98
N ILE A 284 0.10 18.05 10.38
CA ILE A 284 -0.57 16.78 10.11
C ILE A 284 -1.44 16.34 11.29
N ILE A 285 -2.75 16.26 11.06
CA ILE A 285 -3.70 15.88 12.10
C ILE A 285 -3.90 14.37 12.13
N LEU A 286 -3.74 13.78 13.33
CA LEU A 286 -3.92 12.34 13.49
C LEU A 286 -5.16 12.04 14.32
N ARG A 287 -5.62 10.79 14.26
CA ARG A 287 -6.67 10.31 15.16
C ARG A 287 -6.23 8.99 15.76
N ALA A 288 -6.47 8.82 17.06
CA ALA A 288 -6.10 7.58 17.74
C ALA A 288 -7.09 6.48 17.41
N LEU A 289 -6.57 5.33 16.99
CA LEU A 289 -7.42 4.21 16.60
C LEU A 289 -7.78 3.38 17.83
N CYS A 290 -7.00 3.52 18.89
CA CYS A 290 -7.19 2.75 20.11
C CYS A 290 -6.47 3.41 21.29
N ASP A 291 -6.89 3.08 22.50
CA ASP A 291 -6.20 3.58 23.69
C ASP A 291 -4.76 3.12 23.71
N TYR A 292 -3.85 4.07 23.89
CA TYR A 292 -2.46 3.77 24.17
C TYR A 292 -1.99 4.53 25.40
N LYS A 293 -1.36 3.81 26.32
CA LYS A 293 -0.89 4.41 27.56
C LYS A 293 0.50 3.90 27.96
N GLN A 294 1.40 4.83 28.25
CA GLN A 294 2.72 4.48 28.73
C GLN A 294 3.08 5.34 29.90
N ASP A 295 3.05 4.76 31.08
CA ASP A 295 3.33 5.48 32.32
C ASP A 295 2.84 6.92 32.41
N GLN A 296 1.60 7.07 32.87
CA GLN A 296 1.04 8.40 33.16
C GLN A 296 0.84 9.25 31.92
N LYS A 297 1.27 8.75 30.77
CA LYS A 297 0.99 9.42 29.50
C LYS A 297 0.03 8.56 28.70
N ILE A 298 -1.18 9.06 28.50
CA ILE A 298 -2.26 8.28 27.91
C ILE A 298 -2.98 9.02 26.78
N VAL A 299 -3.23 8.30 25.68
CA VAL A 299 -4.09 8.79 24.60
C VAL A 299 -5.31 7.88 24.44
N HIS A 300 -6.47 8.48 24.24
CA HIS A 300 -7.71 7.73 24.11
C HIS A 300 -8.13 7.56 22.67
N LYS A 301 -8.75 6.43 22.36
CA LYS A 301 -9.30 6.18 21.04
C LYS A 301 -10.13 7.39 20.61
N GLY A 302 -9.84 7.91 19.43
CA GLY A 302 -10.57 9.03 18.89
C GLY A 302 -9.94 10.38 19.21
N ASP A 303 -8.90 10.39 20.03
CA ASP A 303 -8.20 11.64 20.34
C ASP A 303 -7.54 12.22 19.09
N GLU A 304 -7.60 13.54 18.95
CA GLU A 304 -6.90 14.22 17.86
C GLU A 304 -5.49 14.58 18.29
N CYS A 305 -4.51 14.10 17.54
CA CYS A 305 -3.11 14.38 17.83
C CYS A 305 -2.46 15.15 16.69
N ILE A 306 -1.38 15.85 17.01
CA ILE A 306 -0.58 16.51 16.00
C ILE A 306 0.74 15.76 15.87
N LEU A 307 1.16 15.52 14.63
CA LEU A 307 2.39 14.80 14.36
C LEU A 307 3.59 15.74 14.46
N LYS A 308 4.61 15.33 15.18
CA LYS A 308 5.80 16.15 15.33
C LYS A 308 7.01 15.57 14.62
N ASP A 309 7.23 14.26 14.78
CA ASP A 309 8.34 13.58 14.15
C ASP A 309 7.95 12.17 13.75
N ASN A 310 8.27 11.80 12.52
CA ASN A 310 7.90 10.48 12.01
C ASN A 310 9.02 9.79 11.25
N ASN A 311 10.27 10.12 11.58
CA ASN A 311 11.42 9.46 10.98
C ASN A 311 11.42 7.99 11.32
N GLU A 312 10.87 7.68 12.48
CA GLU A 312 10.70 6.31 12.93
C GLU A 312 9.39 5.78 12.38
N ARG A 313 9.46 4.73 11.59
CA ARG A 313 8.27 4.21 10.91
C ARG A 313 7.37 3.41 11.84
N SER A 314 7.76 3.32 13.11
CA SER A 314 7.00 2.55 14.09
C SER A 314 6.61 3.37 15.32
N LYS A 315 7.38 4.40 15.64
CA LYS A 315 7.05 5.32 16.72
C LYS A 315 7.08 6.77 16.26
N TRP A 316 5.97 7.47 16.47
CA TRP A 316 5.88 8.87 16.09
C TRP A 316 5.88 9.77 17.30
N TYR A 317 6.63 10.87 17.23
CA TYR A 317 6.52 11.88 18.25
C TYR A 317 5.23 12.65 17.99
N VAL A 318 4.35 12.63 18.97
CA VAL A 318 3.00 13.14 18.78
C VAL A 318 2.61 14.04 19.94
N THR A 319 1.83 15.08 19.66
CA THR A 319 1.37 15.97 20.71
C THR A 319 -0.15 15.92 20.86
N GLY A 320 -0.70 16.80 21.69
CA GLY A 320 -2.12 16.90 21.90
C GLY A 320 -2.72 15.65 22.50
N PRO A 321 -4.03 15.68 22.82
CA PRO A 321 -4.86 16.87 22.66
C PRO A 321 -4.79 17.77 23.90
N GLY A 322 -3.84 17.49 24.78
CA GLY A 322 -3.62 18.31 25.95
C GLY A 322 -2.25 18.97 25.90
N GLY A 323 -1.75 19.16 24.69
CA GLY A 323 -0.43 19.76 24.50
C GLY A 323 0.67 18.85 24.99
N VAL A 324 0.30 17.61 25.30
CA VAL A 324 1.24 16.63 25.84
C VAL A 324 2.01 15.90 24.75
N ASP A 325 3.32 16.14 24.68
CA ASP A 325 4.18 15.40 23.77
C ASP A 325 4.30 13.96 24.24
N MET A 326 4.25 13.02 23.31
CA MET A 326 4.45 11.61 23.65
C MET A 326 4.77 10.74 22.43
N LEU A 327 5.49 9.66 22.68
CA LEU A 327 5.82 8.69 21.64
C LEU A 327 4.75 7.60 21.61
N VAL A 328 3.90 7.63 20.59
CA VAL A 328 2.91 6.59 20.44
C VAL A 328 3.15 5.79 19.16
N PRO A 329 2.98 4.47 19.23
CA PRO A 329 3.16 3.56 18.09
C PRO A 329 2.33 3.96 16.89
N SER A 330 2.99 4.05 15.73
CA SER A 330 2.36 4.42 14.48
C SER A 330 1.10 3.60 14.16
N VAL A 331 1.16 2.29 14.43
CA VAL A 331 0.03 1.41 14.13
C VAL A 331 -1.28 1.99 14.60
N GLY A 332 -1.28 2.54 15.82
CA GLY A 332 -2.49 3.02 16.45
C GLY A 332 -2.86 4.45 16.10
N LEU A 333 -2.26 4.98 15.04
CA LEU A 333 -2.57 6.33 14.59
C LEU A 333 -2.90 6.37 13.09
N ILE A 334 -4.03 6.96 12.76
CA ILE A 334 -4.40 7.14 11.36
C ILE A 334 -4.40 8.62 11.02
N ILE A 335 -4.47 8.95 9.73
CA ILE A 335 -4.50 10.33 9.30
C ILE A 335 -5.81 10.62 8.56
N PRO A 336 -6.83 11.04 9.31
CA PRO A 336 -8.18 11.18 8.77
C PRO A 336 -8.28 12.27 7.71
N PRO A 337 -9.35 12.22 6.88
CA PRO A 337 -9.63 13.25 5.87
C PRO A 337 -9.81 14.60 6.54
N PRO A 338 -9.90 15.68 5.75
CA PRO A 338 -9.93 15.65 4.28
C PRO A 338 -8.55 15.47 3.63
N ASN A 339 -8.47 14.59 2.64
CA ASN A 339 -7.26 14.43 1.86
C ASN A 339 -7.31 15.33 0.63
N PRO A 340 -6.47 16.39 0.64
CA PRO A 340 -6.49 17.42 -0.42
C PRO A 340 -6.20 16.84 -1.80
N LEU A 341 -5.46 15.73 -1.84
CA LEU A 341 -5.17 15.06 -3.10
C LEU A 341 -6.41 14.39 -3.69
N ALA A 342 -7.31 13.97 -2.81
CA ALA A 342 -8.55 13.32 -3.24
C ALA A 342 -9.63 14.34 -3.56
N VAL A 343 -9.79 15.34 -2.69
CA VAL A 343 -10.79 16.37 -2.90
C VAL A 343 -10.54 17.15 -4.20
N ASP A 344 -9.28 17.50 -4.45
CA ASP A 344 -8.94 18.23 -5.66
C ASP A 344 -9.21 17.42 -6.92
N LEU A 345 -8.97 16.12 -6.86
CA LEU A 345 -9.25 15.24 -7.98
C LEU A 345 -10.76 15.13 -8.26
N SER A 346 -11.55 15.05 -7.20
CA SER A 346 -13.00 14.97 -7.36
C SER A 346 -13.53 16.28 -7.92
N CYS A 347 -12.88 17.38 -7.59
CA CYS A 347 -13.27 18.68 -8.11
C CYS A 347 -12.94 18.76 -9.58
N LYS A 348 -11.77 18.26 -9.96
CA LYS A 348 -11.34 18.26 -11.35
C LYS A 348 -12.30 17.43 -12.19
N ILE A 349 -12.47 16.18 -11.80
CA ILE A 349 -13.37 15.28 -12.52
C ILE A 349 -14.75 15.88 -12.70
N GLU A 350 -15.20 16.66 -11.72
CA GLU A 350 -16.52 17.26 -11.77
C GLU A 350 -16.59 18.32 -12.85
N GLN A 351 -15.48 19.03 -13.06
CA GLN A 351 -15.42 20.10 -14.05
C GLN A 351 -15.33 19.55 -15.47
N TYR A 352 -14.88 18.31 -15.61
CA TYR A 352 -14.87 17.66 -16.91
C TYR A 352 -16.28 17.24 -17.30
N TYR A 353 -17.01 16.68 -16.34
CA TYR A 353 -18.41 16.35 -16.56
C TYR A 353 -19.17 17.59 -17.01
N GLU A 354 -18.95 18.71 -16.33
CA GLU A 354 -19.62 19.97 -16.65
C GLU A 354 -19.22 20.49 -18.02
N ALA A 355 -17.96 20.25 -18.40
CA ALA A 355 -17.48 20.67 -19.72
C ALA A 355 -18.20 19.89 -20.80
N ILE A 356 -18.31 18.58 -20.62
CA ILE A 356 -19.06 17.74 -21.54
C ILE A 356 -20.50 18.22 -21.63
N LEU A 357 -21.13 18.40 -20.47
CA LEU A 357 -22.52 18.83 -20.42
C LEU A 357 -22.75 20.10 -21.23
N ALA A 358 -21.78 21.01 -21.15
CA ALA A 358 -21.85 22.27 -21.88
C ALA A 358 -21.66 22.04 -23.38
N LEU A 359 -20.69 21.21 -23.72
CA LEU A 359 -20.42 20.87 -25.11
C LEU A 359 -21.65 20.26 -25.75
N TRP A 360 -22.33 19.40 -25.00
CA TRP A 360 -23.55 18.76 -25.47
C TRP A 360 -24.60 19.84 -25.77
N ASN A 361 -24.76 20.77 -24.85
CA ASN A 361 -25.72 21.85 -25.02
C ASN A 361 -25.47 22.67 -26.28
N GLN A 362 -24.20 22.87 -26.60
CA GLN A 362 -23.84 23.66 -27.78
C GLN A 362 -24.15 22.89 -29.07
N LEU A 363 -23.73 21.62 -29.13
CA LEU A 363 -23.99 20.79 -30.30
C LEU A 363 -25.48 20.59 -30.52
N TYR A 364 -26.25 20.54 -29.44
CA TYR A 364 -27.68 20.30 -29.53
C TYR A 364 -28.38 21.47 -30.21
N ILE A 365 -28.32 22.63 -29.57
CA ILE A 365 -28.97 23.82 -30.09
C ILE A 365 -28.44 24.18 -31.47
N ASN A 366 -27.18 23.84 -31.72
CA ASN A 366 -26.60 24.06 -33.04
C ASN A 366 -27.37 23.30 -34.11
N MET A 367 -27.64 22.03 -33.85
CA MET A 367 -28.39 21.21 -34.80
C MET A 367 -29.87 21.58 -34.79
N LYS A 368 -30.43 21.80 -33.60
CA LYS A 368 -31.83 22.19 -33.50
C LYS A 368 -32.13 23.43 -34.32
N SER A 369 -31.13 24.30 -34.45
CA SER A 369 -31.28 25.53 -35.22
C SER A 369 -31.08 25.25 -36.69
N LEU A 370 -30.27 24.25 -37.01
CA LEU A 370 -30.02 23.89 -38.39
C LEU A 370 -31.25 23.17 -38.96
N VAL A 371 -32.06 22.61 -38.07
CA VAL A 371 -33.30 21.95 -38.47
C VAL A 371 -34.41 22.96 -38.71
N SER A 372 -34.48 23.97 -37.85
CA SER A 372 -35.48 25.02 -38.03
C SER A 372 -35.18 25.84 -39.28
N TRP A 373 -33.91 25.87 -39.66
CA TRP A 373 -33.50 26.58 -40.86
C TRP A 373 -34.07 25.86 -42.08
N HIS A 374 -33.88 24.55 -42.13
CA HIS A 374 -34.39 23.75 -43.23
C HIS A 374 -35.91 23.77 -43.32
N TYR A 375 -36.57 23.52 -42.19
CA TYR A 375 -38.03 23.57 -42.15
C TYR A 375 -38.54 24.92 -42.66
N CYS A 376 -37.79 25.97 -42.39
CA CYS A 376 -38.13 27.32 -42.86
C CYS A 376 -37.98 27.48 -44.37
N MET A 377 -36.94 26.86 -44.93
CA MET A 377 -36.68 26.98 -46.35
C MET A 377 -37.71 26.19 -47.18
N ILE A 378 -38.15 25.05 -46.66
CA ILE A 378 -39.17 24.26 -47.35
C ILE A 378 -40.45 25.09 -47.48
N ASP A 379 -40.82 25.79 -46.42
CA ASP A 379 -42.00 26.63 -46.43
C ASP A 379 -41.81 27.84 -47.35
N ILE A 380 -40.59 28.36 -47.41
CA ILE A 380 -40.29 29.52 -48.25
C ILE A 380 -40.43 29.16 -49.73
N GLU A 381 -40.05 27.95 -50.10
CA GLU A 381 -40.18 27.50 -51.48
C GLU A 381 -41.64 27.30 -51.85
N LYS A 382 -42.42 26.81 -50.89
CA LYS A 382 -43.85 26.63 -51.10
C LYS A 382 -44.53 27.97 -51.37
N ILE A 383 -44.19 28.97 -50.56
CA ILE A 383 -44.78 30.31 -50.69
C ILE A 383 -44.27 31.02 -51.94
N ARG A 384 -42.99 30.88 -52.22
CA ARG A 384 -42.39 31.49 -53.40
C ARG A 384 -43.02 30.95 -54.68
N ALA A 385 -43.25 29.64 -54.73
CA ALA A 385 -43.82 29.00 -55.91
C ALA A 385 -45.32 29.25 -56.06
N MET A 386 -45.93 29.87 -55.05
CA MET A 386 -47.36 30.17 -55.10
C MET A 386 -47.71 31.21 -56.15
N THR A 387 -48.60 30.80 -57.07
CA THR A 387 -49.15 31.69 -58.10
C THR A 387 -50.63 31.87 -57.82
N ILE A 388 -51.22 32.95 -58.34
CA ILE A 388 -52.65 33.18 -58.16
C ILE A 388 -53.50 32.07 -58.77
N ALA A 389 -53.12 31.66 -59.98
CA ALA A 389 -53.82 30.59 -60.67
C ALA A 389 -53.70 29.27 -59.90
N LYS A 390 -52.51 29.01 -59.36
CA LYS A 390 -52.25 27.77 -58.65
C LYS A 390 -53.07 27.69 -57.35
N LEU A 391 -53.39 28.86 -56.79
CA LEU A 391 -54.12 28.94 -55.53
C LEU A 391 -55.55 28.43 -55.64
N LYS A 392 -56.23 28.87 -56.68
CA LYS A 392 -57.65 28.56 -56.89
C LYS A 392 -57.98 27.08 -56.84
N THR A 393 -56.99 26.23 -57.13
CA THR A 393 -57.20 24.78 -57.12
C THR A 393 -57.30 24.26 -55.69
N MET A 394 -56.56 24.89 -54.79
CA MET A 394 -56.44 24.44 -53.41
C MET A 394 -57.56 24.98 -52.53
N ARG A 395 -57.75 24.34 -51.38
CA ARG A 395 -58.69 24.82 -50.38
C ARG A 395 -58.20 26.14 -49.83
N GLN A 396 -59.09 26.90 -49.20
CA GLN A 396 -58.77 28.23 -48.70
C GLN A 396 -57.97 28.18 -47.40
N GLU A 397 -57.74 26.98 -46.88
CA GLU A 397 -57.01 26.82 -45.63
C GLU A 397 -55.76 25.98 -45.81
N ASP A 398 -55.48 25.57 -47.04
CA ASP A 398 -54.27 24.85 -47.34
C ASP A 398 -53.09 25.81 -47.41
N TYR A 399 -53.36 27.01 -47.91
CA TYR A 399 -52.34 28.04 -48.01
C TYR A 399 -52.37 28.99 -46.82
N MET A 400 -53.57 29.24 -46.29
CA MET A 400 -53.70 30.08 -45.10
C MET A 400 -52.89 29.47 -43.96
N LYS A 401 -52.66 28.16 -44.05
CA LYS A 401 -51.93 27.44 -43.02
C LYS A 401 -50.42 27.44 -43.30
N THR A 402 -50.05 27.44 -44.57
CA THR A 402 -48.64 27.42 -44.94
C THR A 402 -47.89 28.66 -44.44
N ILE A 403 -48.59 29.78 -44.32
CA ILE A 403 -47.96 30.98 -43.75
C ILE A 403 -47.88 30.86 -42.23
N ALA A 404 -48.89 30.23 -41.64
CA ALA A 404 -48.89 29.97 -40.20
C ALA A 404 -47.70 29.08 -39.84
N ASP A 405 -47.46 28.07 -40.69
CA ASP A 405 -46.32 27.18 -40.51
C ASP A 405 -45.05 27.99 -40.50
N LEU A 406 -44.84 28.77 -41.55
CA LEU A 406 -43.63 29.59 -41.66
C LEU A 406 -43.47 30.52 -40.47
N GLU A 407 -44.55 31.20 -40.09
CA GLU A 407 -44.50 32.12 -38.97
C GLU A 407 -43.97 31.42 -37.71
N LEU A 408 -44.39 30.18 -37.51
CA LEU A 408 -43.98 29.40 -36.34
C LEU A 408 -42.59 28.80 -36.50
N HIS A 409 -42.29 28.32 -37.69
CA HIS A 409 -40.98 27.75 -37.94
C HIS A 409 -39.89 28.81 -37.87
N TYR A 410 -40.25 30.04 -38.20
CA TYR A 410 -39.29 31.14 -38.13
C TYR A 410 -39.07 31.62 -36.70
N GLN A 411 -40.11 31.49 -35.86
CA GLN A 411 -39.97 31.80 -34.44
C GLN A 411 -39.03 30.80 -33.78
N GLU A 412 -39.20 29.52 -34.11
CA GLU A 412 -38.34 28.48 -33.58
C GLU A 412 -36.89 28.69 -33.96
N PHE A 413 -36.66 29.14 -35.20
CA PHE A 413 -35.31 29.40 -35.67
C PHE A 413 -34.68 30.55 -34.89
N ILE A 414 -35.35 31.69 -34.89
CA ILE A 414 -34.91 32.85 -34.11
C ILE A 414 -34.56 32.44 -32.68
N ARG A 415 -35.37 31.55 -32.12
CA ARG A 415 -35.15 31.10 -30.74
C ARG A 415 -33.92 30.23 -30.59
N ASN A 416 -33.76 29.25 -31.48
CA ASN A 416 -32.61 28.34 -31.42
C ASN A 416 -31.34 28.97 -31.96
N SER A 417 -31.50 30.02 -32.76
CA SER A 417 -30.37 30.71 -33.37
C SER A 417 -29.71 31.64 -32.35
N GLN A 418 -30.48 32.03 -31.35
CA GLN A 418 -29.99 32.93 -30.31
C GLN A 418 -28.59 32.57 -29.83
N GLY A 419 -28.46 31.38 -29.25
CA GLY A 419 -27.19 30.93 -28.73
C GLY A 419 -26.51 29.88 -29.59
N SER A 420 -26.55 30.08 -30.90
CA SER A 420 -25.96 29.12 -31.83
C SER A 420 -24.72 29.68 -32.51
N GLU A 421 -23.84 28.78 -32.95
CA GLU A 421 -22.63 29.20 -33.64
C GLU A 421 -22.65 28.74 -35.11
N MET A 422 -23.84 28.47 -35.61
CA MET A 422 -24.01 27.98 -36.97
C MET A 422 -24.31 29.10 -37.96
N PHE A 423 -24.87 30.19 -37.45
CA PHE A 423 -25.30 31.29 -38.30
C PHE A 423 -24.79 32.64 -37.83
N GLY A 424 -23.90 33.23 -38.63
CA GLY A 424 -23.42 34.58 -38.39
C GLY A 424 -24.47 35.57 -38.83
N ASP A 425 -24.26 36.84 -38.49
CA ASP A 425 -25.24 37.88 -38.78
C ASP A 425 -25.58 37.98 -40.28
N ASP A 426 -24.61 37.62 -41.12
CA ASP A 426 -24.83 37.60 -42.56
C ASP A 426 -26.00 36.70 -42.94
N ASP A 427 -26.15 35.60 -42.18
CA ASP A 427 -27.20 34.64 -42.45
C ASP A 427 -28.50 35.03 -41.75
N LYS A 428 -28.37 35.65 -40.58
CA LYS A 428 -29.53 36.10 -39.81
C LYS A 428 -30.27 37.21 -40.53
N ARG A 429 -29.56 37.90 -41.42
CA ARG A 429 -30.18 38.93 -42.25
C ARG A 429 -30.67 38.31 -43.56
N LYS A 430 -29.88 37.39 -44.09
CA LYS A 430 -30.23 36.71 -45.34
C LYS A 430 -31.60 36.05 -45.21
N ILE A 431 -31.80 35.30 -44.14
CA ILE A 431 -33.06 34.62 -43.88
C ILE A 431 -34.13 35.64 -43.52
N GLN A 432 -33.76 36.62 -42.71
CA GLN A 432 -34.65 37.69 -42.32
C GLN A 432 -35.27 38.36 -43.55
N SER A 433 -34.48 38.44 -44.62
CA SER A 433 -34.93 39.08 -45.85
C SER A 433 -35.77 38.12 -46.71
N GLN A 434 -35.40 36.85 -46.73
CA GLN A 434 -36.17 35.86 -47.47
C GLN A 434 -37.55 35.72 -46.86
N PHE A 435 -37.60 35.75 -45.53
CA PHE A 435 -38.85 35.64 -44.79
C PHE A 435 -39.75 36.85 -45.04
N THR A 436 -39.20 38.04 -44.82
CA THR A 436 -39.97 39.27 -44.99
C THR A 436 -40.47 39.42 -46.44
N ASP A 437 -39.66 38.96 -47.40
CA ASP A 437 -40.06 38.96 -48.80
C ASP A 437 -41.27 38.06 -49.00
N ALA A 438 -41.09 36.77 -48.69
CA ALA A 438 -42.16 35.79 -48.82
C ALA A 438 -43.40 36.19 -48.04
N GLN A 439 -43.20 36.93 -46.96
CA GLN A 439 -44.31 37.44 -46.17
C GLN A 439 -45.21 38.34 -47.02
N LYS A 440 -44.59 39.28 -47.72
CA LYS A 440 -45.34 40.21 -48.56
C LYS A 440 -45.76 39.60 -49.89
N HIS A 441 -44.98 38.65 -50.40
CA HIS A 441 -45.35 37.95 -51.63
C HIS A 441 -46.66 37.22 -51.40
N TYR A 442 -46.95 36.93 -50.14
CA TYR A 442 -48.18 36.25 -49.78
C TYR A 442 -49.36 37.23 -49.71
N GLN A 443 -49.17 38.33 -48.99
CA GLN A 443 -50.23 39.32 -48.86
C GLN A 443 -50.48 40.05 -50.18
N THR A 444 -49.62 39.80 -51.15
CA THR A 444 -49.86 40.26 -52.51
C THR A 444 -50.92 39.39 -53.14
N LEU A 445 -50.93 38.12 -52.77
CA LEU A 445 -51.89 37.16 -53.30
C LEU A 445 -53.13 37.08 -52.40
N VAL A 446 -53.05 37.69 -51.22
CA VAL A 446 -54.18 37.69 -50.29
C VAL A 446 -55.18 38.77 -50.68
N ILE A 447 -54.68 39.82 -51.30
CA ILE A 447 -55.51 40.94 -51.73
C ILE A 447 -56.07 40.70 -53.13
N GLN A 448 -55.40 39.86 -53.91
CA GLN A 448 -55.80 39.60 -55.29
C GLN A 448 -56.96 38.63 -55.42
N LEU A 449 -57.26 37.91 -54.35
CA LEU A 449 -58.33 36.90 -54.39
C LEU A 449 -59.68 37.47 -54.77
N PRO A 450 -60.17 38.47 -54.01
CA PRO A 450 -61.47 39.06 -54.36
C PRO A 450 -61.40 39.84 -55.67
N GLY B 2 64.42 63.24 16.82
CA GLY B 2 64.53 61.98 16.10
C GLY B 2 65.60 61.08 16.67
N TRP B 3 65.79 59.92 16.05
CA TRP B 3 66.80 58.96 16.51
C TRP B 3 68.08 59.05 15.68
N ASP B 4 69.10 58.31 16.11
CA ASP B 4 70.35 58.27 15.37
C ASP B 4 70.09 57.80 13.95
N GLU B 5 70.97 58.13 13.02
CA GLU B 5 70.76 57.77 11.63
C GLU B 5 71.57 56.57 11.15
N PHE B 6 72.33 55.96 12.05
CA PHE B 6 72.93 54.66 11.76
C PHE B 6 71.89 53.59 12.05
N THR B 7 71.15 53.80 13.14
CA THR B 7 70.06 52.92 13.52
C THR B 7 68.85 53.17 12.61
N LYS B 8 68.75 54.39 12.09
CA LYS B 8 67.70 54.75 11.15
C LYS B 8 67.74 53.82 9.96
N HIS B 9 68.95 53.45 9.55
CA HIS B 9 69.17 52.57 8.40
C HIS B 9 68.77 51.12 8.70
N VAL B 10 69.39 50.55 9.72
CA VAL B 10 69.14 49.16 10.11
C VAL B 10 67.68 48.91 10.45
N THR B 11 67.08 49.83 11.19
CA THR B 11 65.68 49.69 11.61
C THR B 11 64.72 49.68 10.43
N SER B 12 64.91 50.62 9.50
CA SER B 12 64.05 50.72 8.33
C SER B 12 64.28 49.57 7.36
N GLU B 13 65.49 49.02 7.38
CA GLU B 13 65.84 47.91 6.50
C GLU B 13 65.20 46.60 6.95
N CYS B 14 64.96 46.48 8.26
CA CYS B 14 64.31 45.31 8.82
C CYS B 14 62.80 45.40 8.71
N LEU B 15 62.24 46.48 9.25
CA LEU B 15 60.80 46.70 9.19
C LEU B 15 60.30 46.49 7.77
N GLY B 16 61.09 46.92 6.80
CA GLY B 16 60.75 46.73 5.40
C GLY B 16 60.60 45.26 5.05
N TRP B 17 61.62 44.49 5.34
CA TRP B 17 61.63 43.06 5.02
C TRP B 17 60.44 42.33 5.62
N MET B 18 60.14 42.65 6.87
CA MET B 18 59.03 42.01 7.58
C MET B 18 57.68 42.46 7.02
N ARG B 19 57.50 43.78 6.89
CA ARG B 19 56.27 44.32 6.36
C ARG B 19 55.97 43.75 4.97
N GLN B 20 57.02 43.46 4.22
CA GLN B 20 56.86 42.86 2.90
C GLN B 20 56.49 41.38 3.03
N GLN B 21 57.26 40.66 3.85
CA GLN B 21 56.99 39.24 4.08
C GLN B 21 55.52 39.01 4.43
N ARG B 22 54.98 39.88 5.29
CA ARG B 22 53.58 39.75 5.67
C ARG B 22 52.68 40.19 4.53
N ALA B 23 53.07 41.27 3.86
CA ALA B 23 52.29 41.80 2.76
C ALA B 23 52.09 40.74 1.68
N GLU B 24 53.12 39.92 1.48
CA GLU B 24 53.09 38.89 0.45
C GLU B 24 52.22 37.71 0.86
N MET B 25 52.14 37.46 2.15
CA MET B 25 51.31 36.37 2.66
C MET B 25 49.83 36.65 2.42
N ASP B 26 49.42 37.88 2.67
CA ASP B 26 48.01 38.25 2.58
C ASP B 26 47.58 38.50 1.15
N MET B 27 48.50 38.37 0.21
CA MET B 27 48.19 38.60 -1.20
C MET B 27 48.29 37.32 -2.02
N VAL B 28 48.31 36.18 -1.34
CA VAL B 28 48.33 34.89 -2.01
C VAL B 28 46.92 34.33 -2.11
N ALA B 29 46.37 34.34 -3.33
CA ALA B 29 45.02 33.82 -3.55
C ALA B 29 44.92 32.36 -3.13
N TRP B 30 43.75 31.96 -2.66
CA TRP B 30 43.53 30.60 -2.18
C TRP B 30 43.28 29.61 -3.32
N GLY B 31 43.77 28.39 -3.13
CA GLY B 31 43.71 27.38 -4.17
C GLY B 31 42.30 26.94 -4.53
N VAL B 32 42.15 26.45 -5.75
CA VAL B 32 40.86 25.92 -6.22
C VAL B 32 40.86 24.41 -6.06
N ASP B 33 41.96 23.78 -6.47
CA ASP B 33 42.12 22.34 -6.38
C ASP B 33 42.76 21.96 -5.05
N LEU B 34 42.82 20.66 -4.78
CA LEU B 34 43.49 20.16 -3.58
C LEU B 34 45.00 20.35 -3.73
N ALA B 35 45.54 19.85 -4.84
CA ALA B 35 46.95 19.98 -5.13
C ALA B 35 47.33 21.46 -5.27
N SER B 36 46.35 22.28 -5.63
CA SER B 36 46.55 23.71 -5.72
C SER B 36 46.89 24.25 -4.34
N VAL B 37 46.10 23.83 -3.35
CA VAL B 37 46.29 24.23 -1.96
C VAL B 37 47.54 23.60 -1.38
N GLU B 38 47.83 22.37 -1.78
CA GLU B 38 48.98 21.67 -1.23
C GLU B 38 50.32 22.30 -1.62
N GLN B 39 50.42 22.85 -2.84
CA GLN B 39 51.65 23.53 -3.20
C GLN B 39 51.74 24.88 -2.50
N HIS B 40 50.60 25.39 -2.05
CA HIS B 40 50.61 26.60 -1.24
C HIS B 40 51.20 26.31 0.12
N ILE B 41 50.92 25.12 0.63
CA ILE B 41 51.55 24.65 1.86
C ILE B 41 53.07 24.57 1.67
N ASN B 42 53.50 23.77 0.70
CA ASN B 42 54.92 23.61 0.40
C ASN B 42 55.67 24.95 0.37
N SER B 43 55.07 25.93 -0.29
CA SER B 43 55.67 27.25 -0.40
C SER B 43 55.79 27.90 0.97
N HIS B 44 54.66 27.99 1.67
CA HIS B 44 54.62 28.63 2.98
C HIS B 44 55.57 27.95 3.95
N ARG B 45 55.64 26.63 3.88
CA ARG B 45 56.54 25.88 4.74
C ARG B 45 57.94 26.48 4.74
N GLY B 46 58.39 26.91 3.58
CA GLY B 46 59.73 27.46 3.46
C GLY B 46 59.76 28.91 3.88
N ILE B 47 58.65 29.60 3.59
CA ILE B 47 58.50 30.98 4.02
C ILE B 47 58.47 31.01 5.54
N HIS B 48 57.73 30.07 6.13
CA HIS B 48 57.64 29.99 7.59
C HIS B 48 58.99 29.63 8.21
N ASN B 49 59.72 28.73 7.58
CA ASN B 49 61.02 28.32 8.12
C ASN B 49 62.05 29.43 8.06
N SER B 50 61.89 30.34 7.11
CA SER B 50 62.83 31.45 6.98
C SER B 50 62.54 32.53 8.00
N ILE B 51 61.27 32.85 8.19
CA ILE B 51 60.92 33.88 9.17
C ILE B 51 61.11 33.30 10.57
N GLY B 52 61.17 31.97 10.66
CA GLY B 52 61.53 31.32 11.90
C GLY B 52 63.01 31.51 12.14
N ASP B 53 63.82 31.10 11.17
CA ASP B 53 65.26 31.22 11.25
C ASP B 53 65.72 32.66 11.34
N TYR B 54 64.79 33.59 11.20
CA TYR B 54 65.13 35.02 11.20
C TYR B 54 65.31 35.53 12.63
N ARG B 55 64.85 34.72 13.58
CA ARG B 55 65.03 35.03 15.00
C ARG B 55 66.52 35.22 15.30
N TRP B 56 67.33 34.26 14.88
CA TRP B 56 68.77 34.30 15.14
C TRP B 56 69.48 35.46 14.44
N GLN B 57 68.94 35.91 13.31
CA GLN B 57 69.55 37.01 12.57
C GLN B 57 69.03 38.38 13.05
N LEU B 58 67.92 38.36 13.77
CA LEU B 58 67.39 39.57 14.38
C LEU B 58 68.09 39.80 15.71
N ASP B 59 68.69 38.75 16.24
CA ASP B 59 69.48 38.84 17.46
C ASP B 59 70.82 39.51 17.17
N LYS B 60 71.43 39.16 16.05
CA LYS B 60 72.67 39.78 15.61
C LYS B 60 72.52 41.29 15.50
N ILE B 61 71.55 41.72 14.69
CA ILE B 61 71.40 43.14 14.39
C ILE B 61 70.91 43.94 15.59
N LYS B 62 70.42 43.26 16.62
CA LYS B 62 69.90 43.94 17.80
C LYS B 62 70.97 44.24 18.84
N ALA B 63 72.08 43.50 18.78
CA ALA B 63 73.21 43.77 19.66
C ALA B 63 74.05 44.90 19.09
N ASP B 64 73.65 45.39 17.91
CA ASP B 64 74.32 46.51 17.27
C ASP B 64 73.47 47.76 17.41
N LEU B 65 72.49 47.71 18.31
CA LEU B 65 71.59 48.83 18.53
C LEU B 65 71.61 49.30 19.99
N ARG B 66 71.40 50.60 20.18
CA ARG B 66 71.38 51.17 21.52
C ARG B 66 70.01 51.74 21.87
N GLU B 67 69.43 52.50 20.94
CA GLU B 67 68.09 53.05 21.13
C GLU B 67 67.11 51.91 21.39
N LYS B 68 66.71 51.75 22.65
CA LYS B 68 65.92 50.59 23.06
C LYS B 68 64.45 50.67 22.65
N SER B 69 63.94 51.88 22.46
CA SER B 69 62.56 52.04 22.00
C SER B 69 62.45 51.79 20.50
N ALA B 70 63.60 51.53 19.87
CA ALA B 70 63.64 51.16 18.46
C ALA B 70 63.71 49.65 18.35
N ILE B 71 64.44 49.01 19.26
CA ILE B 71 64.49 47.56 19.34
C ILE B 71 63.10 47.04 19.65
N TYR B 72 62.37 47.78 20.48
CA TYR B 72 60.99 47.42 20.81
C TYR B 72 60.14 47.37 19.55
N GLN B 73 60.48 48.22 18.59
CA GLN B 73 59.73 48.31 17.34
C GLN B 73 59.93 47.04 16.50
N LEU B 74 61.13 46.49 16.53
CA LEU B 74 61.45 45.31 15.75
C LEU B 74 60.89 44.04 16.39
N GLU B 75 60.90 43.97 17.71
CA GLU B 75 60.36 42.82 18.42
C GLU B 75 58.86 42.71 18.17
N GLU B 76 58.14 43.80 18.37
CA GLU B 76 56.69 43.81 18.17
C GLU B 76 56.33 43.36 16.76
N GLU B 77 56.95 44.00 15.76
CA GLU B 77 56.67 43.65 14.38
C GLU B 77 56.97 42.19 14.10
N TYR B 78 58.14 41.72 14.52
CA TYR B 78 58.50 40.33 14.29
C TYR B 78 57.46 39.38 14.88
N GLU B 79 57.07 39.63 16.12
CA GLU B 79 56.11 38.77 16.79
C GLU B 79 54.78 38.72 16.02
N ASN B 80 54.45 39.82 15.38
CA ASN B 80 53.24 39.89 14.55
C ASN B 80 53.39 39.10 13.26
N LEU B 81 54.56 39.20 12.64
CA LEU B 81 54.88 38.43 11.44
C LEU B 81 54.81 36.95 11.73
N LEU B 82 55.51 36.53 12.78
CA LEU B 82 55.51 35.15 13.23
C LEU B 82 54.10 34.67 13.57
N LYS B 83 53.28 35.55 14.14
CA LYS B 83 51.92 35.17 14.47
C LYS B 83 51.08 34.97 13.21
N ALA B 84 51.28 35.82 12.22
CA ALA B 84 50.54 35.73 10.98
C ALA B 84 50.96 34.49 10.20
N SER B 85 52.25 34.18 10.25
CA SER B 85 52.77 33.00 9.55
C SER B 85 52.16 31.74 10.15
N PHE B 86 52.13 31.66 11.47
CA PHE B 86 51.50 30.52 12.12
C PHE B 86 50.01 30.46 11.77
N GLU B 87 49.33 31.60 11.85
CA GLU B 87 47.90 31.63 11.51
C GLU B 87 47.64 31.14 10.09
N ARG B 88 48.43 31.64 9.13
CA ARG B 88 48.26 31.27 7.74
C ARG B 88 48.50 29.77 7.50
N MET B 89 49.47 29.19 8.21
CA MET B 89 49.74 27.77 8.07
C MET B 89 48.57 26.96 8.59
N ASP B 90 47.95 27.45 9.66
CA ASP B 90 46.77 26.81 10.22
C ASP B 90 45.63 26.83 9.22
N HIS B 91 45.28 28.03 8.78
CA HIS B 91 44.22 28.19 7.79
C HIS B 91 44.42 27.28 6.59
N LEU B 92 45.65 27.24 6.06
CA LEU B 92 45.97 26.37 4.94
C LEU B 92 45.72 24.90 5.28
N ARG B 93 46.28 24.44 6.39
CA ARG B 93 46.12 23.07 6.81
C ARG B 93 44.64 22.70 6.99
N GLN B 94 43.87 23.63 7.55
CA GLN B 94 42.44 23.42 7.75
C GLN B 94 41.69 23.23 6.43
N LEU B 95 41.97 24.10 5.45
CA LEU B 95 41.32 23.98 4.15
C LEU B 95 41.72 22.68 3.49
N GLN B 96 42.99 22.32 3.61
CA GLN B 96 43.49 21.09 3.02
C GLN B 96 42.76 19.88 3.61
N ASN B 97 42.71 19.80 4.93
CA ASN B 97 42.04 18.69 5.59
C ASN B 97 40.57 18.58 5.18
N ILE B 98 39.92 19.73 4.99
CA ILE B 98 38.53 19.75 4.54
C ILE B 98 38.39 19.18 3.13
N ILE B 99 39.14 19.74 2.18
CA ILE B 99 39.10 19.26 0.81
C ILE B 99 39.45 17.79 0.76
N GLN B 100 40.37 17.37 1.63
CA GLN B 100 40.83 16.00 1.65
C GLN B 100 39.72 15.06 2.10
N ALA B 101 39.02 15.45 3.15
CA ALA B 101 37.93 14.63 3.70
C ALA B 101 36.71 14.68 2.80
N THR B 102 36.38 15.88 2.33
CA THR B 102 35.22 16.07 1.46
C THR B 102 35.39 15.29 0.15
N SER B 103 36.62 14.86 -0.13
CA SER B 103 36.91 14.12 -1.34
C SER B 103 36.87 12.60 -1.12
N ARG B 104 37.33 12.16 0.04
CA ARG B 104 37.25 10.74 0.38
C ARG B 104 35.79 10.30 0.41
N GLU B 105 34.94 11.22 0.86
CA GLU B 105 33.50 10.95 0.97
C GLU B 105 32.83 10.87 -0.40
N ILE B 106 33.02 11.90 -1.22
CA ILE B 106 32.42 11.92 -2.54
C ILE B 106 32.81 10.68 -3.36
N MET B 107 34.00 10.15 -3.09
CA MET B 107 34.45 8.95 -3.79
C MET B 107 33.73 7.71 -3.28
N TRP B 108 33.57 7.62 -1.96
CA TRP B 108 32.85 6.52 -1.36
C TRP B 108 31.42 6.49 -1.86
N ILE B 109 30.77 7.66 -1.85
CA ILE B 109 29.41 7.78 -2.33
C ILE B 109 29.30 7.36 -3.78
N ASN B 110 30.22 7.85 -4.62
CA ASN B 110 30.22 7.49 -6.03
C ASN B 110 30.53 6.01 -6.23
N ASP B 111 31.32 5.44 -5.33
CA ASP B 111 31.61 4.00 -5.37
C ASP B 111 30.32 3.21 -5.19
N CYS B 112 29.30 3.89 -4.68
CA CYS B 112 28.00 3.28 -4.49
C CYS B 112 27.10 3.48 -5.72
N GLU B 113 26.92 4.73 -6.14
CA GLU B 113 26.04 5.00 -7.27
C GLU B 113 26.54 4.30 -8.54
N GLU B 114 27.79 3.85 -8.53
CA GLU B 114 28.32 3.09 -9.65
C GLU B 114 27.84 1.63 -9.62
N GLU B 115 27.69 1.09 -8.41
CA GLU B 115 27.13 -0.25 -8.27
C GLU B 115 25.69 -0.28 -8.77
N GLU B 116 24.89 0.64 -8.27
CA GLU B 116 23.45 0.66 -8.57
C GLU B 116 23.17 1.09 -10.01
N LEU B 117 23.89 2.10 -10.49
CA LEU B 117 23.74 2.54 -11.88
C LEU B 117 23.96 1.40 -12.87
N LEU B 118 24.81 0.45 -12.47
CA LEU B 118 25.14 -0.68 -13.32
C LEU B 118 24.45 -1.97 -12.88
N TYR B 119 23.34 -1.84 -12.17
CA TYR B 119 22.60 -3.01 -11.70
C TYR B 119 21.47 -3.38 -12.65
N ASP B 120 21.34 -4.68 -12.90
CA ASP B 120 20.36 -5.19 -13.85
C ASP B 120 19.03 -5.52 -13.18
N TRP B 121 18.02 -4.69 -13.44
CA TRP B 121 16.68 -4.93 -12.89
C TRP B 121 15.77 -5.55 -13.95
N SER B 122 16.39 -6.18 -14.94
CA SER B 122 15.67 -6.75 -16.06
C SER B 122 15.07 -8.11 -15.73
N ASP B 123 14.31 -8.66 -16.67
CA ASP B 123 13.73 -9.98 -16.54
C ASP B 123 14.77 -11.04 -16.22
N LYS B 124 15.94 -10.92 -16.85
CA LYS B 124 17.04 -11.88 -16.68
C LYS B 124 17.47 -12.05 -15.22
N ASN B 125 17.35 -10.99 -14.44
CA ASN B 125 17.77 -11.02 -13.04
C ASN B 125 16.68 -11.52 -12.10
N THR B 126 16.92 -12.67 -11.47
CA THR B 126 15.94 -13.26 -10.58
C THR B 126 16.41 -13.25 -9.11
N ASN B 127 17.61 -12.74 -8.89
CA ASN B 127 18.14 -12.61 -7.53
C ASN B 127 17.47 -11.46 -6.77
N ILE B 128 16.17 -11.58 -6.56
CA ILE B 128 15.39 -10.53 -5.92
C ILE B 128 15.55 -10.51 -4.41
N ALA B 129 15.43 -11.68 -3.78
CA ALA B 129 15.58 -11.78 -2.32
C ALA B 129 17.01 -11.52 -1.88
N GLN B 130 17.97 -11.94 -2.70
CA GLN B 130 19.39 -11.76 -2.39
C GLN B 130 19.78 -10.29 -2.43
N LYS B 131 19.22 -9.55 -3.37
CA LYS B 131 19.57 -8.15 -3.54
C LYS B 131 19.19 -7.34 -2.30
N GLN B 132 17.96 -7.52 -1.82
CA GLN B 132 17.49 -6.74 -0.69
C GLN B 132 18.31 -6.99 0.56
N GLU B 133 18.96 -8.15 0.63
CA GLU B 133 19.84 -8.45 1.76
C GLU B 133 21.03 -7.52 1.76
N ALA B 134 21.78 -7.52 0.65
CA ALA B 134 22.93 -6.64 0.49
C ALA B 134 22.50 -5.18 0.48
N PHE B 135 21.24 -4.95 0.14
CA PHE B 135 20.69 -3.59 0.13
C PHE B 135 20.40 -3.09 1.55
N SER B 136 19.75 -3.93 2.35
CA SER B 136 19.52 -3.58 3.75
C SER B 136 20.85 -3.38 4.45
N ILE B 137 21.88 -4.06 3.94
CA ILE B 137 23.23 -3.94 4.47
C ILE B 137 23.85 -2.59 4.10
N ARG B 138 23.57 -2.14 2.89
CA ARG B 138 24.09 -0.84 2.45
C ARG B 138 23.31 0.31 3.07
N MET B 139 22.03 0.07 3.37
CA MET B 139 21.19 1.06 4.01
C MET B 139 21.61 1.28 5.46
N SER B 140 22.16 0.25 6.08
CA SER B 140 22.69 0.37 7.44
C SER B 140 24.06 1.01 7.38
N GLN B 141 24.72 0.89 6.24
CA GLN B 141 26.00 1.54 6.02
C GLN B 141 25.79 3.01 5.73
N LEU B 142 24.72 3.33 5.00
CA LEU B 142 24.37 4.71 4.73
C LEU B 142 24.07 5.47 6.03
N GLU B 143 23.33 4.82 6.93
CA GLU B 143 22.99 5.43 8.21
C GLU B 143 24.25 5.73 9.03
N VAL B 144 25.24 4.86 8.92
CA VAL B 144 26.51 5.04 9.62
C VAL B 144 27.27 6.22 9.02
N LYS B 145 27.39 6.23 7.69
CA LYS B 145 28.06 7.32 6.98
C LYS B 145 27.41 8.66 7.27
N GLU B 146 26.08 8.68 7.31
CA GLU B 146 25.35 9.92 7.54
C GLU B 146 25.85 10.62 8.81
N LYS B 147 26.08 9.85 9.86
CA LYS B 147 26.58 10.40 11.12
C LYS B 147 28.03 10.87 11.00
N GLU B 148 28.80 10.25 10.11
CA GLU B 148 30.16 10.68 9.84
C GLU B 148 30.16 11.98 9.04
N LEU B 149 29.35 12.02 7.98
CA LEU B 149 29.21 13.22 7.18
C LEU B 149 28.64 14.35 8.04
N ASN B 150 27.85 13.97 9.05
CA ASN B 150 27.32 14.95 9.99
C ASN B 150 28.45 15.64 10.75
N LYS B 151 29.43 14.85 11.17
CA LYS B 151 30.58 15.38 11.89
C LYS B 151 31.47 16.22 10.98
N LEU B 152 31.64 15.78 9.74
CA LEU B 152 32.43 16.52 8.77
C LEU B 152 31.80 17.88 8.51
N LYS B 153 30.48 17.94 8.58
CA LYS B 153 29.76 19.21 8.43
C LYS B 153 29.97 20.07 9.67
N GLN B 154 30.17 19.42 10.81
CA GLN B 154 30.47 20.12 12.05
C GLN B 154 31.77 20.91 11.91
N GLU B 155 32.87 20.18 11.68
CA GLU B 155 34.17 20.79 11.49
C GLU B 155 34.09 21.92 10.47
N SER B 156 33.30 21.70 9.42
CA SER B 156 33.18 22.65 8.33
C SER B 156 32.48 23.94 8.75
N ASP B 157 31.45 23.80 9.57
CA ASP B 157 30.68 24.96 10.03
C ASP B 157 31.49 25.83 10.99
N GLN B 158 32.26 25.18 11.86
CA GLN B 158 33.11 25.89 12.81
C GLN B 158 34.11 26.80 12.10
N LEU B 159 34.68 26.30 11.01
CA LEU B 159 35.64 27.09 10.24
C LEU B 159 35.00 28.36 9.70
N VAL B 160 33.75 28.27 9.27
CA VAL B 160 33.05 29.43 8.71
C VAL B 160 32.76 30.46 9.79
N LEU B 161 32.42 29.98 10.99
CA LEU B 161 32.21 30.86 12.13
C LEU B 161 33.48 31.64 12.45
N ASN B 162 34.62 30.97 12.37
CA ASN B 162 35.89 31.58 12.70
C ASN B 162 36.43 32.51 11.62
N GLN B 163 35.57 32.89 10.69
CA GLN B 163 35.95 33.77 9.60
C GLN B 163 37.20 33.28 8.86
N HIS B 164 37.19 32.00 8.50
CA HIS B 164 38.27 31.43 7.70
C HIS B 164 38.36 32.18 6.38
N PRO B 165 39.57 32.61 6.01
CA PRO B 165 39.80 33.43 4.81
C PRO B 165 39.19 32.83 3.55
N ALA B 166 38.98 31.52 3.55
CA ALA B 166 38.41 30.85 2.38
C ALA B 166 37.17 30.03 2.75
N SER B 167 36.39 30.55 3.69
CA SER B 167 35.17 29.89 4.14
C SER B 167 34.11 29.86 3.03
N ASP B 168 34.31 30.68 2.00
CA ASP B 168 33.41 30.68 0.85
C ASP B 168 33.60 29.39 0.08
N LYS B 169 34.85 29.09 -0.26
CA LYS B 169 35.19 27.87 -0.99
C LYS B 169 34.87 26.63 -0.17
N ILE B 170 35.01 26.74 1.14
CA ILE B 170 34.73 25.63 2.05
C ILE B 170 33.29 25.17 1.96
N GLU B 171 32.36 26.11 2.03
CA GLU B 171 30.94 25.78 1.93
C GLU B 171 30.62 25.24 0.54
N ALA B 172 31.26 25.82 -0.47
CA ALA B 172 31.10 25.36 -1.85
C ALA B 172 31.40 23.87 -1.96
N TYR B 173 32.38 23.41 -1.18
CA TYR B 173 32.72 21.99 -1.17
C TYR B 173 31.63 21.18 -0.48
N MET B 174 31.08 21.72 0.59
CA MET B 174 30.04 21.04 1.33
C MET B 174 28.73 20.97 0.55
N ASP B 175 28.43 22.04 -0.18
CA ASP B 175 27.27 22.05 -1.06
C ASP B 175 27.43 20.94 -2.09
N THR B 176 28.64 20.83 -2.63
CA THR B 176 28.99 19.79 -3.58
C THR B 176 28.75 18.40 -3.01
N LEU B 177 29.11 18.23 -1.74
CA LEU B 177 28.93 16.95 -1.05
C LEU B 177 27.47 16.68 -0.80
N GLN B 178 26.72 17.73 -0.46
CA GLN B 178 25.29 17.57 -0.17
C GLN B 178 24.53 16.97 -1.34
N THR B 179 24.76 17.52 -2.53
CA THR B 179 24.05 17.08 -3.73
C THR B 179 24.30 15.60 -4.00
N GLN B 180 25.56 15.17 -3.95
CA GLN B 180 25.91 13.78 -4.18
C GLN B 180 25.26 12.86 -3.14
N TRP B 181 25.10 13.37 -1.93
CA TRP B 181 24.42 12.62 -0.88
C TRP B 181 22.94 12.50 -1.21
N SER B 182 22.30 13.62 -1.48
CA SER B 182 20.88 13.63 -1.83
C SER B 182 20.60 12.68 -2.99
N TRP B 183 21.52 12.67 -3.96
CA TRP B 183 21.35 11.86 -5.17
C TRP B 183 21.32 10.37 -4.89
N ILE B 184 22.31 9.88 -4.15
CA ILE B 184 22.34 8.46 -3.80
C ILE B 184 21.18 8.13 -2.87
N LEU B 185 20.75 9.12 -2.09
CA LEU B 185 19.61 8.98 -1.20
C LEU B 185 18.33 8.81 -2.01
N GLN B 186 18.33 9.39 -3.21
CA GLN B 186 17.22 9.24 -4.14
C GLN B 186 17.23 7.86 -4.78
N ILE B 187 18.43 7.38 -5.09
CA ILE B 187 18.60 6.09 -5.77
C ILE B 187 18.24 4.91 -4.86
N THR B 188 18.36 5.10 -3.55
CA THR B 188 17.93 4.06 -2.62
C THR B 188 16.43 3.95 -2.63
N LYS B 189 15.76 5.10 -2.67
CA LYS B 189 14.31 5.15 -2.77
C LYS B 189 13.84 4.54 -4.08
N CYS B 190 14.66 4.68 -5.12
CA CYS B 190 14.34 4.13 -6.44
C CYS B 190 14.32 2.61 -6.43
N ILE B 191 15.33 2.01 -5.82
CA ILE B 191 15.40 0.56 -5.77
C ILE B 191 14.45 -0.03 -4.71
N ASP B 192 13.93 0.82 -3.84
CA ASP B 192 12.84 0.41 -2.96
C ASP B 192 11.63 0.07 -3.83
N VAL B 193 11.42 0.87 -4.87
CA VAL B 193 10.35 0.62 -5.83
C VAL B 193 10.61 -0.68 -6.59
N HIS B 194 11.81 -0.80 -7.17
CA HIS B 194 12.19 -2.00 -7.91
C HIS B 194 11.99 -3.28 -7.09
N LEU B 195 12.61 -3.33 -5.92
CA LEU B 195 12.48 -4.49 -5.04
C LEU B 195 11.01 -4.82 -4.79
N LYS B 196 10.16 -3.79 -4.85
CA LYS B 196 8.73 -3.96 -4.71
C LYS B 196 8.12 -4.48 -6.01
N GLU B 197 8.16 -3.64 -7.05
CA GLU B 197 7.52 -3.96 -8.32
C GLU B 197 8.05 -5.24 -8.96
N ASN B 198 9.36 -5.46 -8.86
CA ASN B 198 9.99 -6.65 -9.44
C ASN B 198 9.73 -7.93 -8.64
N ALA B 199 9.55 -7.79 -7.32
CA ALA B 199 9.24 -8.95 -6.48
C ALA B 199 7.87 -9.50 -6.84
N ALA B 200 6.93 -8.59 -7.13
CA ALA B 200 5.59 -8.99 -7.52
C ALA B 200 5.62 -9.66 -8.89
N TYR B 201 6.54 -9.23 -9.73
CA TYR B 201 6.70 -9.81 -11.05
C TYR B 201 6.83 -11.32 -10.98
N PHE B 202 7.92 -11.80 -10.38
CA PHE B 202 8.16 -13.23 -10.30
C PHE B 202 7.12 -13.92 -9.42
N GLN B 203 6.60 -13.19 -8.45
CA GLN B 203 5.55 -13.70 -7.58
C GLN B 203 4.29 -13.99 -8.39
N PHE B 204 3.98 -13.09 -9.32
CA PHE B 204 2.79 -13.21 -10.15
C PHE B 204 2.84 -14.42 -11.06
N PHE B 205 3.78 -14.40 -12.01
CA PHE B 205 3.89 -15.47 -12.99
C PHE B 205 4.07 -16.83 -12.32
N GLU B 206 4.64 -16.84 -11.12
CA GLU B 206 4.83 -18.08 -10.37
C GLU B 206 3.51 -18.55 -9.79
N GLU B 207 2.62 -17.61 -9.54
CA GLU B 207 1.32 -17.90 -8.95
C GLU B 207 0.27 -18.16 -10.03
N ALA B 208 0.38 -17.45 -11.15
CA ALA B 208 -0.54 -17.63 -12.26
C ALA B 208 -0.33 -18.99 -12.93
N GLN B 209 0.92 -19.44 -12.96
CA GLN B 209 1.25 -20.76 -13.51
C GLN B 209 0.78 -21.85 -12.56
N SER B 210 0.38 -21.46 -11.37
CA SER B 210 -0.12 -22.40 -10.36
C SER B 210 -1.64 -22.44 -10.34
N THR B 211 -2.26 -21.32 -10.71
CA THR B 211 -3.71 -21.22 -10.78
C THR B 211 -4.23 -21.95 -12.01
N GLU B 212 -3.46 -21.88 -13.09
CA GLU B 212 -3.82 -22.55 -14.33
C GLU B 212 -3.74 -24.05 -14.15
N ALA B 213 -2.76 -24.50 -13.38
CA ALA B 213 -2.56 -25.94 -13.15
C ALA B 213 -3.62 -26.53 -12.24
N TYR B 214 -4.12 -25.72 -11.30
CA TYR B 214 -5.17 -26.16 -10.38
C TYR B 214 -6.52 -26.19 -11.08
N LEU B 215 -6.69 -25.34 -12.10
CA LEU B 215 -7.90 -25.34 -12.89
C LEU B 215 -7.91 -26.52 -13.86
N LYS B 216 -6.71 -26.96 -14.26
CA LYS B 216 -6.57 -28.13 -15.11
C LYS B 216 -6.99 -29.40 -14.36
N GLY B 217 -6.62 -29.46 -13.09
CA GLY B 217 -6.96 -30.60 -12.24
C GLY B 217 -8.45 -30.73 -12.06
N LEU B 218 -9.12 -29.61 -11.82
CA LEU B 218 -10.58 -29.61 -11.67
C LEU B 218 -11.27 -29.99 -12.98
N GLN B 219 -10.91 -29.31 -14.06
CA GLN B 219 -11.60 -29.48 -15.34
C GLN B 219 -11.58 -30.92 -15.85
N ASP B 220 -10.51 -31.66 -15.52
CA ASP B 220 -10.44 -33.06 -15.95
C ASP B 220 -11.10 -33.97 -14.93
N SER B 221 -11.05 -33.57 -13.66
CA SER B 221 -11.67 -34.33 -12.58
C SER B 221 -13.18 -34.29 -12.70
N ILE B 222 -13.69 -33.21 -13.29
CA ILE B 222 -15.13 -33.02 -13.42
C ILE B 222 -15.67 -33.78 -14.64
N ARG B 223 -14.81 -34.03 -15.62
CA ARG B 223 -15.24 -34.70 -16.84
C ARG B 223 -15.14 -36.21 -16.70
N LYS B 224 -14.26 -36.66 -15.81
CA LYS B 224 -14.07 -38.09 -15.58
C LYS B 224 -15.04 -38.61 -14.52
N LYS B 225 -15.25 -37.82 -13.47
CA LYS B 225 -16.07 -38.24 -12.34
C LYS B 225 -17.57 -38.11 -12.56
N TYR B 226 -17.96 -37.51 -13.69
CA TYR B 226 -19.39 -37.27 -13.94
C TYR B 226 -19.83 -37.51 -15.38
N PRO B 227 -19.63 -38.74 -15.88
CA PRO B 227 -20.16 -39.10 -17.21
C PRO B 227 -21.64 -39.44 -17.12
N CYS B 228 -22.48 -38.77 -17.89
CA CYS B 228 -23.92 -39.02 -17.83
C CYS B 228 -24.34 -40.16 -18.74
N ASP B 229 -24.68 -41.29 -18.14
CA ASP B 229 -25.06 -42.48 -18.89
C ASP B 229 -26.55 -42.44 -19.23
N LYS B 230 -26.85 -42.30 -20.52
CA LYS B 230 -28.22 -42.18 -21.00
C LYS B 230 -29.15 -43.26 -20.43
N ASN B 231 -28.61 -44.42 -20.12
CA ASN B 231 -29.43 -45.53 -19.68
C ASN B 231 -29.15 -45.94 -18.23
N MET B 232 -28.62 -45.01 -17.44
CA MET B 232 -28.33 -45.30 -16.04
C MET B 232 -29.54 -44.99 -15.15
N PRO B 233 -29.67 -45.73 -14.04
CA PRO B 233 -30.83 -45.69 -13.15
C PRO B 233 -31.11 -44.31 -12.56
N LEU B 234 -32.29 -44.17 -11.95
CA LEU B 234 -32.70 -42.93 -11.31
C LEU B 234 -31.91 -42.69 -10.02
N GLN B 235 -31.68 -43.75 -9.25
CA GLN B 235 -30.98 -43.64 -7.97
C GLN B 235 -29.61 -42.99 -8.10
N HIS B 236 -28.78 -43.53 -8.99
CA HIS B 236 -27.45 -43.00 -9.24
C HIS B 236 -27.50 -41.50 -9.55
N LEU B 237 -28.35 -41.13 -10.49
CA LEU B 237 -28.43 -39.75 -10.96
C LEU B 237 -28.63 -38.76 -9.82
N LEU B 238 -29.62 -39.03 -8.97
CA LEU B 238 -29.93 -38.16 -7.84
C LEU B 238 -28.72 -37.93 -6.93
N GLU B 239 -27.93 -38.96 -6.72
CA GLU B 239 -26.75 -38.86 -5.86
C GLU B 239 -25.64 -38.07 -6.54
N GLN B 240 -25.33 -38.44 -7.77
CA GLN B 240 -24.24 -37.83 -8.51
C GLN B 240 -24.54 -36.39 -8.91
N ILE B 241 -25.79 -35.99 -8.79
CA ILE B 241 -26.17 -34.59 -9.01
C ILE B 241 -25.82 -33.75 -7.78
N LYS B 242 -26.05 -34.31 -6.59
CA LYS B 242 -25.67 -33.64 -5.36
C LYS B 242 -24.15 -33.57 -5.23
N GLU B 243 -23.48 -34.61 -5.71
CA GLU B 243 -22.02 -34.63 -5.73
C GLU B 243 -21.49 -33.51 -6.60
N LEU B 244 -22.23 -33.20 -7.66
CA LEU B 244 -21.83 -32.17 -8.59
C LEU B 244 -22.09 -30.78 -8.02
N GLU B 245 -23.24 -30.62 -7.36
CA GLU B 245 -23.62 -29.34 -6.78
C GLU B 245 -22.62 -28.85 -5.74
N LYS B 246 -21.96 -29.78 -5.04
CA LYS B 246 -20.97 -29.41 -4.05
C LYS B 246 -19.64 -29.07 -4.71
N GLU B 247 -19.42 -29.65 -5.89
CA GLU B 247 -18.23 -29.31 -6.66
C GLU B 247 -18.42 -27.98 -7.38
N ARG B 248 -19.65 -27.49 -7.40
CA ARG B 248 -19.92 -26.15 -7.92
C ARG B 248 -19.40 -25.12 -6.94
N GLU B 249 -19.54 -25.40 -5.65
CA GLU B 249 -19.00 -24.52 -4.62
C GLU B 249 -17.49 -24.51 -4.69
N LYS B 250 -16.90 -25.65 -5.07
CA LYS B 250 -15.45 -25.74 -5.23
C LYS B 250 -15.00 -24.81 -6.35
N ILE B 251 -15.87 -24.60 -7.33
CA ILE B 251 -15.54 -23.75 -8.46
C ILE B 251 -15.89 -22.29 -8.18
N LEU B 252 -17.01 -22.07 -7.50
CA LEU B 252 -17.42 -20.71 -7.16
C LEU B 252 -16.52 -20.10 -6.09
N GLU B 253 -16.04 -20.94 -5.19
CA GLU B 253 -15.14 -20.47 -4.13
C GLU B 253 -13.78 -20.09 -4.72
N TYR B 254 -13.38 -20.79 -5.77
CA TYR B 254 -12.08 -20.57 -6.38
C TYR B 254 -12.06 -19.30 -7.22
N LYS B 255 -13.23 -18.83 -7.62
CA LYS B 255 -13.35 -17.61 -8.39
C LYS B 255 -12.71 -16.44 -7.62
N ARG B 256 -12.48 -16.65 -6.34
CA ARG B 256 -11.81 -15.67 -5.50
C ARG B 256 -10.35 -15.55 -5.91
N GLN B 257 -9.64 -16.68 -5.92
CA GLN B 257 -8.22 -16.69 -6.25
C GLN B 257 -7.98 -16.37 -7.73
N VAL B 258 -9.04 -16.46 -8.52
CA VAL B 258 -8.97 -16.13 -9.93
C VAL B 258 -9.12 -14.63 -10.17
N GLN B 259 -9.97 -13.99 -9.38
CA GLN B 259 -10.17 -12.55 -9.48
C GLN B 259 -8.97 -11.79 -8.93
N ASN B 260 -8.35 -12.33 -7.89
CA ASN B 260 -7.15 -11.73 -7.32
C ASN B 260 -6.01 -11.73 -8.32
N LEU B 261 -5.96 -12.78 -9.13
CA LEU B 261 -4.94 -12.89 -10.17
C LEU B 261 -5.21 -11.85 -11.26
N VAL B 262 -6.49 -11.59 -11.51
CA VAL B 262 -6.88 -10.59 -12.50
C VAL B 262 -6.51 -9.18 -12.03
N ASN B 263 -6.63 -8.95 -10.72
CA ASN B 263 -6.36 -7.65 -10.14
C ASN B 263 -4.86 -7.32 -10.03
N LYS B 264 -4.05 -8.37 -9.89
CA LYS B 264 -2.60 -8.20 -9.86
C LYS B 264 -2.08 -7.79 -11.23
N SER B 265 -2.47 -8.53 -12.25
CA SER B 265 -1.96 -8.35 -13.61
C SER B 265 -1.83 -6.89 -14.00
N LYS B 266 -2.84 -6.10 -13.68
CA LYS B 266 -2.89 -4.71 -14.11
C LYS B 266 -1.97 -3.80 -13.29
N LYS B 267 -1.34 -4.36 -12.26
CA LYS B 267 -0.38 -3.63 -11.45
C LYS B 267 1.05 -4.00 -11.84
N ILE B 268 1.25 -5.24 -12.24
CA ILE B 268 2.56 -5.75 -12.64
C ILE B 268 3.24 -4.90 -13.72
N VAL B 269 4.53 -4.66 -13.55
CA VAL B 269 5.31 -3.88 -14.50
C VAL B 269 6.09 -4.75 -15.48
N GLN B 270 6.73 -4.13 -16.46
CA GLN B 270 7.50 -4.85 -17.47
C GLN B 270 8.99 -4.88 -17.13
N LEU B 271 9.63 -6.02 -17.34
CA LEU B 271 11.04 -6.19 -17.02
C LEU B 271 11.91 -6.47 -18.25
N LYS B 272 11.34 -7.12 -19.24
CA LYS B 272 12.06 -7.46 -20.46
C LYS B 272 12.41 -6.23 -21.32
N PRO B 273 11.47 -5.29 -21.45
CA PRO B 273 11.73 -4.06 -22.21
C PRO B 273 12.92 -3.25 -21.67
N ARG B 274 13.57 -3.72 -20.61
CA ARG B 274 14.72 -3.04 -20.05
C ARG B 274 16.01 -3.38 -20.81
N ASN B 275 16.04 -4.56 -21.41
CA ASN B 275 17.19 -4.97 -22.21
C ASN B 275 17.14 -4.38 -23.60
N PRO B 276 18.31 -4.10 -24.19
CA PRO B 276 18.40 -3.53 -25.55
C PRO B 276 17.88 -4.50 -26.59
N ASP B 277 18.25 -5.77 -26.46
CA ASP B 277 17.86 -6.80 -27.40
C ASP B 277 16.35 -6.88 -27.61
N TYR B 278 15.60 -6.45 -26.60
CA TYR B 278 14.15 -6.43 -26.70
C TYR B 278 13.70 -5.43 -27.74
N ARG B 279 12.84 -5.87 -28.65
CA ARG B 279 12.28 -4.98 -29.67
C ARG B 279 10.78 -5.04 -29.62
N SER B 280 10.12 -3.89 -29.80
CA SER B 280 8.67 -3.84 -29.78
C SER B 280 8.13 -2.79 -30.74
N ASN B 281 7.03 -3.13 -31.42
CA ASN B 281 6.36 -2.20 -32.32
C ASN B 281 5.79 -1.01 -31.54
N LYS B 282 5.04 -1.30 -30.49
CA LYS B 282 4.48 -0.26 -29.65
C LYS B 282 5.57 0.49 -28.90
N PRO B 283 5.45 1.83 -28.83
CA PRO B 283 6.41 2.64 -28.09
C PRO B 283 6.44 2.26 -26.62
N ILE B 284 7.59 2.43 -25.97
CA ILE B 284 7.76 2.06 -24.57
C ILE B 284 7.56 3.26 -23.66
N ILE B 285 6.67 3.12 -22.67
CA ILE B 285 6.39 4.21 -21.74
C ILE B 285 7.15 4.04 -20.42
N LEU B 286 7.85 5.10 -20.02
CA LEU B 286 8.61 5.08 -18.77
C LEU B 286 8.00 6.02 -17.73
N ARG B 287 8.30 5.77 -16.46
CA ARG B 287 7.86 6.64 -15.39
C ARG B 287 9.01 6.90 -14.42
N ALA B 288 9.40 8.18 -14.29
CA ALA B 288 10.54 8.55 -13.46
C ALA B 288 10.28 8.33 -11.97
N LEU B 289 11.15 7.55 -11.33
CA LEU B 289 11.01 7.23 -9.91
C LEU B 289 11.55 8.35 -9.02
N CYS B 290 12.27 9.29 -9.63
CA CYS B 290 12.86 10.38 -8.88
C CYS B 290 13.18 11.55 -9.80
N ASP B 291 13.43 12.70 -9.20
CA ASP B 291 13.84 13.88 -9.97
C ASP B 291 15.25 13.68 -10.50
N TYR B 292 15.54 14.32 -11.63
CA TYR B 292 16.88 14.26 -12.20
C TYR B 292 17.17 15.50 -13.06
N LYS B 293 18.26 16.18 -12.75
CA LYS B 293 18.65 17.39 -13.47
C LYS B 293 20.13 17.44 -13.81
N GLN B 294 20.46 17.14 -15.07
CA GLN B 294 21.86 17.14 -15.53
C GLN B 294 22.01 17.94 -16.82
N ASP B 295 21.00 17.85 -17.68
CA ASP B 295 21.05 18.51 -18.98
C ASP B 295 20.72 20.00 -18.86
N GLN B 296 20.57 20.48 -17.63
CA GLN B 296 19.96 21.78 -17.40
C GLN B 296 18.49 21.65 -17.78
N LYS B 297 18.04 20.39 -17.85
CA LYS B 297 16.66 20.06 -18.17
C LYS B 297 16.03 19.29 -17.03
N ILE B 298 14.82 19.71 -16.63
CA ILE B 298 14.14 19.10 -15.50
C ILE B 298 13.24 17.94 -15.91
N VAL B 299 13.19 16.93 -15.04
CA VAL B 299 12.26 15.82 -15.20
C VAL B 299 11.82 15.36 -13.81
N HIS B 300 10.69 15.89 -13.35
CA HIS B 300 10.23 15.68 -11.98
C HIS B 300 9.83 14.23 -11.71
N LYS B 301 9.50 13.95 -10.45
CA LYS B 301 9.09 12.62 -10.03
C LYS B 301 7.68 12.30 -10.51
N GLY B 302 7.49 11.06 -10.96
CA GLY B 302 6.19 10.62 -11.43
C GLY B 302 5.91 10.97 -12.88
N ASP B 303 6.78 11.81 -13.45
CA ASP B 303 6.64 12.21 -14.85
C ASP B 303 6.68 11.03 -15.80
N GLU B 304 5.72 10.96 -16.72
CA GLU B 304 5.70 9.93 -17.73
C GLU B 304 6.36 10.39 -19.02
N CYS B 305 7.20 9.53 -19.58
CA CYS B 305 7.93 9.85 -20.80
C CYS B 305 8.10 8.62 -21.67
N ILE B 306 8.59 8.81 -22.89
CA ILE B 306 8.76 7.73 -23.84
C ILE B 306 10.23 7.39 -24.07
N LEU B 307 10.53 6.11 -24.23
CA LEU B 307 11.90 5.63 -24.35
C LEU B 307 12.43 5.68 -25.78
N LYS B 308 13.73 5.90 -25.93
CA LYS B 308 14.38 5.91 -27.24
C LYS B 308 15.46 4.85 -27.38
N ASP B 309 16.58 5.04 -26.69
CA ASP B 309 17.73 4.13 -26.81
C ASP B 309 17.97 3.34 -25.52
N ASN B 310 18.43 2.09 -25.68
CA ASN B 310 18.67 1.21 -24.55
C ASN B 310 20.07 0.60 -24.50
N ASN B 311 20.89 0.91 -25.51
CA ASN B 311 22.22 0.32 -25.61
C ASN B 311 22.99 0.28 -24.30
N GLU B 312 23.09 1.42 -23.64
CA GLU B 312 23.79 1.51 -22.37
C GLU B 312 22.84 1.23 -21.21
N ARG B 313 23.30 0.43 -20.24
CA ARG B 313 22.49 0.07 -19.09
C ARG B 313 22.39 1.21 -18.09
N SER B 314 23.48 1.96 -17.94
CA SER B 314 23.54 3.02 -16.94
C SER B 314 22.63 4.21 -17.24
N LYS B 315 22.48 4.56 -18.52
CA LYS B 315 21.63 5.67 -18.91
C LYS B 315 20.83 5.35 -20.16
N TRP B 316 19.64 5.94 -20.27
CA TRP B 316 18.79 5.73 -21.43
C TRP B 316 18.40 7.05 -22.06
N TYR B 317 18.39 7.09 -23.39
CA TYR B 317 17.86 8.23 -24.12
C TYR B 317 16.36 8.24 -23.94
N VAL B 318 15.83 9.36 -23.47
CA VAL B 318 14.41 9.48 -23.19
C VAL B 318 13.86 10.76 -23.81
N THR B 319 12.56 10.77 -24.10
CA THR B 319 11.93 11.95 -24.69
C THR B 319 10.79 12.45 -23.81
N GLY B 320 10.64 13.77 -23.74
CA GLY B 320 9.54 14.38 -23.02
C GLY B 320 9.52 14.06 -21.54
N PRO B 321 8.40 14.37 -20.86
CA PRO B 321 7.24 15.02 -21.48
C PRO B 321 7.54 16.44 -21.93
N GLY B 322 6.69 16.95 -22.83
CA GLY B 322 6.91 18.27 -23.41
C GLY B 322 7.59 18.15 -24.76
N GLY B 323 8.51 17.20 -24.87
CA GLY B 323 9.23 16.96 -26.11
C GLY B 323 10.73 17.01 -25.93
N VAL B 324 11.17 17.38 -24.73
CA VAL B 324 12.59 17.54 -24.43
C VAL B 324 13.32 16.20 -24.36
N ASP B 325 14.30 16.02 -25.25
CA ASP B 325 15.15 14.84 -25.23
C ASP B 325 16.19 14.97 -24.12
N MET B 326 16.56 13.86 -23.52
CA MET B 326 17.57 13.88 -22.46
C MET B 326 17.98 12.48 -22.00
N LEU B 327 19.25 12.35 -21.61
CA LEU B 327 19.74 11.11 -21.00
C LEU B 327 19.42 11.11 -19.52
N VAL B 328 19.16 9.92 -18.97
CA VAL B 328 18.80 9.78 -17.57
C VAL B 328 18.98 8.34 -17.11
N PRO B 329 19.64 8.17 -15.95
CA PRO B 329 19.92 6.84 -15.37
C PRO B 329 18.69 5.94 -15.39
N SER B 330 18.89 4.68 -15.77
CA SER B 330 17.80 3.72 -15.90
C SER B 330 17.26 3.30 -14.54
N VAL B 331 18.13 3.31 -13.54
CA VAL B 331 17.74 2.93 -12.19
C VAL B 331 16.65 3.86 -11.71
N GLY B 332 16.65 5.09 -12.20
CA GLY B 332 15.62 6.06 -11.85
C GLY B 332 14.42 6.00 -12.78
N LEU B 333 14.35 4.95 -13.58
CA LEU B 333 13.25 4.79 -14.54
C LEU B 333 12.66 3.38 -14.54
N ILE B 334 11.35 3.30 -14.36
CA ILE B 334 10.66 2.02 -14.39
C ILE B 334 9.62 2.01 -15.51
N ILE B 335 9.29 0.82 -15.99
CA ILE B 335 8.29 0.66 -17.04
C ILE B 335 6.96 0.27 -16.42
N PRO B 336 6.06 1.25 -16.23
CA PRO B 336 4.77 1.03 -15.56
C PRO B 336 3.81 0.22 -16.43
N PRO B 337 2.79 -0.37 -15.78
CA PRO B 337 1.75 -1.16 -16.46
C PRO B 337 1.04 -0.34 -17.53
N PRO B 338 0.16 -0.98 -18.32
CA PRO B 338 -0.16 -2.42 -18.20
C PRO B 338 0.86 -3.28 -18.94
N ASN B 339 1.05 -4.50 -18.47
CA ASN B 339 1.94 -5.45 -19.13
C ASN B 339 1.16 -6.57 -19.81
N PRO B 340 1.06 -6.52 -21.15
CA PRO B 340 0.31 -7.50 -21.93
C PRO B 340 0.73 -8.93 -21.63
N LEU B 341 2.01 -9.14 -21.33
CA LEU B 341 2.51 -10.47 -20.99
C LEU B 341 1.82 -11.03 -19.76
N ALA B 342 1.31 -10.14 -18.91
CA ALA B 342 0.60 -10.55 -17.70
C ALA B 342 -0.90 -10.39 -17.84
N VAL B 343 -1.32 -9.27 -18.41
CA VAL B 343 -2.75 -8.98 -18.60
C VAL B 343 -3.42 -10.05 -19.46
N ASP B 344 -2.68 -10.57 -20.44
CA ASP B 344 -3.22 -11.59 -21.32
C ASP B 344 -3.23 -12.96 -20.63
N LEU B 345 -2.15 -13.28 -19.93
CA LEU B 345 -2.07 -14.54 -19.20
C LEU B 345 -3.24 -14.66 -18.22
N SER B 346 -3.52 -13.59 -17.50
CA SER B 346 -4.64 -13.56 -16.57
C SER B 346 -5.95 -13.66 -17.33
N CYS B 347 -5.99 -13.03 -18.51
CA CYS B 347 -7.19 -13.05 -19.34
C CYS B 347 -7.48 -14.45 -19.85
N LYS B 348 -6.44 -15.21 -20.16
CA LYS B 348 -6.61 -16.58 -20.61
C LYS B 348 -7.11 -17.45 -19.48
N ILE B 349 -6.67 -17.16 -18.27
CA ILE B 349 -7.14 -17.85 -17.08
C ILE B 349 -8.58 -17.44 -16.78
N GLU B 350 -9.01 -16.31 -17.33
CA GLU B 350 -10.41 -15.91 -17.24
C GLU B 350 -11.25 -16.81 -18.14
N GLN B 351 -10.87 -16.88 -19.41
CA GLN B 351 -11.54 -17.77 -20.36
C GLN B 351 -11.51 -19.20 -19.85
N TYR B 352 -10.34 -19.64 -19.40
CA TYR B 352 -10.17 -21.02 -18.96
C TYR B 352 -10.97 -21.35 -17.72
N TYR B 353 -11.32 -20.32 -16.95
CA TYR B 353 -12.18 -20.52 -15.79
C TYR B 353 -13.63 -20.66 -16.24
N GLU B 354 -14.09 -19.69 -17.02
CA GLU B 354 -15.46 -19.71 -17.52
C GLU B 354 -15.74 -20.97 -18.32
N ALA B 355 -14.71 -21.47 -18.98
CA ALA B 355 -14.83 -22.70 -19.77
C ALA B 355 -15.11 -23.89 -18.87
N ILE B 356 -14.79 -23.75 -17.58
CA ILE B 356 -15.01 -24.82 -16.61
C ILE B 356 -16.42 -24.81 -16.05
N LEU B 357 -16.98 -23.61 -15.86
CA LEU B 357 -18.38 -23.49 -15.47
C LEU B 357 -19.28 -23.99 -16.60
N ALA B 358 -18.90 -23.67 -17.83
CA ALA B 358 -19.64 -24.13 -19.00
C ALA B 358 -19.75 -25.65 -19.02
N LEU B 359 -18.62 -26.32 -18.92
CA LEU B 359 -18.60 -27.78 -18.94
C LEU B 359 -19.20 -28.37 -17.66
N TRP B 360 -19.48 -27.51 -16.69
CA TRP B 360 -20.16 -27.96 -15.47
C TRP B 360 -21.67 -27.88 -15.67
N ASN B 361 -22.13 -26.75 -16.17
CA ASN B 361 -23.55 -26.57 -16.49
C ASN B 361 -24.00 -27.55 -17.54
N GLN B 362 -23.07 -27.98 -18.38
CA GLN B 362 -23.36 -28.98 -19.41
C GLN B 362 -23.70 -30.32 -18.77
N LEU B 363 -22.79 -30.84 -17.96
CA LEU B 363 -22.97 -32.13 -17.30
C LEU B 363 -24.11 -32.08 -16.29
N TYR B 364 -24.55 -30.86 -15.95
CA TYR B 364 -25.64 -30.67 -15.00
C TYR B 364 -27.00 -30.78 -15.68
N ILE B 365 -27.18 -30.01 -16.76
CA ILE B 365 -28.43 -30.06 -17.51
C ILE B 365 -28.60 -31.43 -18.15
N ASN B 366 -27.49 -32.10 -18.42
CA ASN B 366 -27.53 -33.45 -18.97
C ASN B 366 -28.15 -34.41 -17.98
N MET B 367 -27.67 -34.36 -16.75
CA MET B 367 -28.18 -35.26 -15.71
C MET B 367 -29.61 -34.89 -15.30
N LYS B 368 -29.85 -33.61 -15.04
CA LYS B 368 -31.20 -33.17 -14.71
C LYS B 368 -32.15 -33.47 -15.86
N SER B 369 -31.59 -33.60 -17.05
CA SER B 369 -32.36 -34.02 -18.22
C SER B 369 -32.90 -35.44 -17.99
N LEU B 370 -32.00 -36.35 -17.63
CA LEU B 370 -32.38 -37.74 -17.38
C LEU B 370 -33.32 -37.86 -16.20
N VAL B 371 -33.08 -37.06 -15.17
CA VAL B 371 -33.91 -37.09 -13.97
C VAL B 371 -35.35 -36.74 -14.31
N SER B 372 -35.54 -35.64 -15.03
CA SER B 372 -36.86 -35.23 -15.46
C SER B 372 -37.49 -36.28 -16.34
N TRP B 373 -36.67 -36.89 -17.20
CA TRP B 373 -37.14 -37.98 -18.05
C TRP B 373 -37.69 -39.10 -17.17
N HIS B 374 -36.95 -39.45 -16.12
CA HIS B 374 -37.38 -40.50 -15.22
C HIS B 374 -38.68 -40.16 -14.52
N TYR B 375 -38.76 -38.98 -13.91
CA TYR B 375 -39.97 -38.57 -13.23
C TYR B 375 -41.16 -38.61 -14.17
N CYS B 376 -40.94 -38.24 -15.42
CA CYS B 376 -42.00 -38.32 -16.44
C CYS B 376 -42.47 -39.75 -16.62
N MET B 377 -41.51 -40.67 -16.75
CA MET B 377 -41.84 -42.08 -16.97
C MET B 377 -42.63 -42.66 -15.80
N ILE B 378 -42.29 -42.25 -14.59
CA ILE B 378 -42.99 -42.71 -13.40
C ILE B 378 -44.45 -42.28 -13.42
N ASP B 379 -44.69 -41.00 -13.71
CA ASP B 379 -46.06 -40.51 -13.78
C ASP B 379 -46.82 -41.12 -14.96
N ILE B 380 -46.13 -41.34 -16.07
CA ILE B 380 -46.78 -42.00 -17.20
C ILE B 380 -47.21 -43.42 -16.84
N GLU B 381 -46.33 -44.15 -16.17
CA GLU B 381 -46.66 -45.50 -15.71
C GLU B 381 -47.81 -45.46 -14.72
N LYS B 382 -47.84 -44.44 -13.87
CA LYS B 382 -48.92 -44.27 -12.91
C LYS B 382 -50.25 -44.05 -13.62
N ILE B 383 -50.18 -43.49 -14.83
CA ILE B 383 -51.38 -43.22 -15.62
C ILE B 383 -51.89 -44.46 -16.33
N ARG B 384 -50.97 -45.24 -16.90
CA ARG B 384 -51.35 -46.46 -17.62
C ARG B 384 -52.00 -47.49 -16.69
N ALA B 385 -51.38 -47.69 -15.53
CA ALA B 385 -51.91 -48.63 -14.55
C ALA B 385 -53.23 -48.13 -13.96
N MET B 386 -53.46 -46.83 -14.12
CA MET B 386 -54.68 -46.19 -13.64
C MET B 386 -55.86 -46.67 -14.48
N THR B 387 -56.82 -47.32 -13.83
CA THR B 387 -58.00 -47.85 -14.54
C THR B 387 -59.31 -47.41 -13.88
N ILE B 388 -60.42 -47.69 -14.57
CA ILE B 388 -61.73 -47.19 -14.17
C ILE B 388 -62.23 -47.73 -12.83
N ALA B 389 -62.04 -49.03 -12.60
CA ALA B 389 -62.53 -49.68 -11.39
C ALA B 389 -61.54 -49.53 -10.23
N LYS B 390 -60.26 -49.50 -10.57
CA LYS B 390 -59.20 -49.29 -9.60
C LYS B 390 -59.13 -47.81 -9.24
N LEU B 391 -60.20 -47.09 -9.56
CA LEU B 391 -60.23 -45.64 -9.40
C LEU B 391 -61.26 -45.19 -8.37
N LYS B 392 -62.34 -45.94 -8.25
CA LYS B 392 -63.42 -45.59 -7.33
C LYS B 392 -62.93 -45.47 -5.89
N THR B 393 -61.83 -46.14 -5.59
CA THR B 393 -61.27 -46.12 -4.25
C THR B 393 -60.57 -44.80 -3.94
N MET B 394 -60.17 -44.09 -4.99
CA MET B 394 -59.39 -42.86 -4.83
C MET B 394 -60.27 -41.61 -4.73
N ARG B 395 -59.74 -40.59 -4.07
CA ARG B 395 -60.42 -39.31 -3.94
C ARG B 395 -60.13 -38.45 -5.16
N GLN B 396 -61.12 -37.65 -5.57
CA GLN B 396 -61.01 -36.83 -6.78
C GLN B 396 -59.66 -36.14 -6.95
N GLU B 397 -59.24 -35.40 -5.92
CA GLU B 397 -58.03 -34.58 -6.02
C GLU B 397 -56.78 -35.39 -6.34
N ASP B 398 -56.69 -36.59 -5.79
CA ASP B 398 -55.48 -37.41 -5.89
C ASP B 398 -55.01 -37.65 -7.33
N TYR B 399 -55.76 -38.45 -8.07
CA TYR B 399 -55.38 -38.83 -9.42
C TYR B 399 -55.54 -37.67 -10.41
N MET B 400 -55.94 -36.51 -9.89
CA MET B 400 -56.11 -35.31 -10.69
C MET B 400 -54.81 -34.49 -10.68
N LYS B 401 -54.16 -34.48 -9.52
CA LYS B 401 -52.91 -33.77 -9.34
C LYS B 401 -51.78 -34.47 -10.08
N THR B 402 -51.91 -35.78 -10.23
CA THR B 402 -50.88 -36.57 -10.88
C THR B 402 -50.65 -36.06 -12.30
N ILE B 403 -51.72 -35.77 -13.02
CA ILE B 403 -51.63 -35.18 -14.36
C ILE B 403 -50.88 -33.87 -14.32
N ALA B 404 -51.30 -32.98 -13.42
CA ALA B 404 -50.62 -31.70 -13.23
C ALA B 404 -49.14 -31.94 -12.95
N ASP B 405 -48.84 -33.00 -12.21
CA ASP B 405 -47.46 -33.36 -11.91
C ASP B 405 -46.71 -33.71 -13.18
N LEU B 406 -47.31 -34.58 -13.99
CA LEU B 406 -46.73 -34.99 -15.26
C LEU B 406 -46.42 -33.80 -16.15
N GLU B 407 -47.36 -32.87 -16.25
CA GLU B 407 -47.15 -31.67 -17.05
C GLU B 407 -45.90 -30.90 -16.64
N LEU B 408 -45.76 -30.64 -15.35
CA LEU B 408 -44.65 -29.85 -14.82
C LEU B 408 -43.28 -30.49 -15.02
N HIS B 409 -43.25 -31.82 -15.00
CA HIS B 409 -42.00 -32.55 -15.20
C HIS B 409 -41.65 -32.62 -16.68
N TYR B 410 -42.67 -32.75 -17.53
CA TYR B 410 -42.42 -32.73 -18.96
C TYR B 410 -41.87 -31.35 -19.35
N GLN B 411 -42.40 -30.31 -18.72
CA GLN B 411 -41.87 -28.97 -18.93
C GLN B 411 -40.38 -28.94 -18.60
N GLU B 412 -40.02 -29.34 -17.38
CA GLU B 412 -38.62 -29.39 -16.99
C GLU B 412 -37.80 -30.24 -17.95
N PHE B 413 -38.43 -31.27 -18.52
CA PHE B 413 -37.73 -32.13 -19.48
C PHE B 413 -37.46 -31.38 -20.77
N ILE B 414 -38.47 -30.65 -21.26
CA ILE B 414 -38.31 -29.84 -22.47
C ILE B 414 -37.22 -28.79 -22.28
N ARG B 415 -37.27 -28.06 -21.18
CA ARG B 415 -36.29 -27.02 -20.89
C ARG B 415 -34.87 -27.56 -20.84
N ASN B 416 -34.69 -28.70 -20.17
CA ASN B 416 -33.36 -29.29 -20.04
C ASN B 416 -32.96 -30.12 -21.26
N SER B 417 -33.92 -30.34 -22.15
CA SER B 417 -33.68 -31.19 -23.32
C SER B 417 -33.16 -30.41 -24.50
N GLN B 418 -33.43 -29.11 -24.53
CA GLN B 418 -32.97 -28.26 -25.64
C GLN B 418 -31.44 -28.26 -25.72
N GLY B 419 -30.79 -28.41 -24.56
CA GLY B 419 -29.37 -28.72 -24.54
C GLY B 419 -29.22 -30.17 -24.95
N SER B 420 -29.66 -30.48 -26.17
CA SER B 420 -29.82 -31.84 -26.65
C SER B 420 -28.53 -32.56 -27.04
N GLU B 421 -28.07 -33.44 -26.16
CA GLU B 421 -26.93 -34.30 -26.45
C GLU B 421 -27.10 -35.66 -25.79
N MET B 422 -27.96 -35.70 -24.78
CA MET B 422 -28.29 -36.95 -24.10
C MET B 422 -29.39 -37.70 -24.84
N PHE B 423 -30.37 -36.95 -25.33
CA PHE B 423 -31.50 -37.55 -26.03
C PHE B 423 -31.48 -37.22 -27.52
N GLY B 424 -31.64 -38.24 -28.33
CA GLY B 424 -31.70 -38.07 -29.77
C GLY B 424 -33.07 -37.58 -30.19
N ASP B 425 -33.16 -37.05 -31.40
CA ASP B 425 -34.43 -36.55 -31.92
C ASP B 425 -35.47 -37.65 -31.94
N ASP B 426 -35.02 -38.88 -31.76
CA ASP B 426 -35.89 -40.04 -31.79
C ASP B 426 -36.59 -40.24 -30.44
N ASP B 427 -35.79 -40.34 -29.38
CA ASP B 427 -36.30 -40.52 -28.03
C ASP B 427 -37.39 -39.50 -27.72
N LYS B 428 -37.09 -38.24 -28.04
CA LYS B 428 -38.00 -37.15 -27.74
C LYS B 428 -39.38 -37.37 -28.34
N ARG B 429 -39.43 -37.89 -29.57
CA ARG B 429 -40.71 -38.20 -30.19
C ARG B 429 -41.39 -39.28 -29.38
N LYS B 430 -40.62 -40.28 -28.97
CA LYS B 430 -41.16 -41.42 -28.22
C LYS B 430 -41.84 -40.93 -26.95
N ILE B 431 -41.13 -40.12 -26.18
CA ILE B 431 -41.65 -39.64 -24.90
C ILE B 431 -42.85 -38.71 -25.09
N GLN B 432 -42.88 -38.02 -26.22
CA GLN B 432 -44.00 -37.15 -26.54
C GLN B 432 -45.22 -37.98 -26.92
N SER B 433 -44.96 -39.15 -27.51
CA SER B 433 -46.00 -40.09 -27.85
C SER B 433 -46.56 -40.70 -26.57
N GLN B 434 -45.67 -41.24 -25.75
CA GLN B 434 -46.06 -41.84 -24.47
C GLN B 434 -46.80 -40.85 -23.59
N PHE B 435 -46.43 -39.57 -23.69
CA PHE B 435 -47.10 -38.52 -22.92
C PHE B 435 -48.53 -38.32 -23.43
N THR B 436 -48.66 -37.91 -24.69
CA THR B 436 -49.97 -37.67 -25.28
C THR B 436 -50.89 -38.88 -25.15
N ASP B 437 -50.33 -40.07 -25.34
CA ASP B 437 -51.08 -41.30 -25.14
C ASP B 437 -51.71 -41.35 -23.76
N ALA B 438 -50.89 -41.07 -22.74
CA ALA B 438 -51.36 -41.06 -21.36
C ALA B 438 -52.41 -39.97 -21.14
N GLN B 439 -52.28 -38.86 -21.86
CA GLN B 439 -53.27 -37.80 -21.76
C GLN B 439 -54.62 -38.30 -22.26
N LYS B 440 -54.59 -39.03 -23.37
CA LYS B 440 -55.81 -39.59 -23.96
C LYS B 440 -56.33 -40.76 -23.14
N HIS B 441 -55.42 -41.49 -22.49
CA HIS B 441 -55.79 -42.63 -21.68
C HIS B 441 -56.40 -42.18 -20.36
N TYR B 442 -56.07 -40.96 -19.95
CA TYR B 442 -56.63 -40.37 -18.74
C TYR B 442 -58.00 -39.75 -19.02
N GLN B 443 -58.14 -39.14 -20.19
CA GLN B 443 -59.42 -38.57 -20.59
C GLN B 443 -60.44 -39.68 -20.83
N THR B 444 -59.96 -40.85 -21.22
CA THR B 444 -60.82 -42.01 -21.40
C THR B 444 -61.43 -42.40 -20.06
N LEU B 445 -60.77 -41.99 -18.97
CA LEU B 445 -61.20 -42.35 -17.62
C LEU B 445 -62.00 -41.25 -16.93
N VAL B 446 -62.03 -40.06 -17.53
CA VAL B 446 -62.81 -38.96 -16.97
C VAL B 446 -64.26 -39.04 -17.40
N ILE B 447 -64.46 -39.43 -18.66
CA ILE B 447 -65.81 -39.61 -19.19
C ILE B 447 -66.54 -40.68 -18.37
N GLN B 448 -66.00 -41.89 -18.39
CA GLN B 448 -66.55 -42.98 -17.59
C GLN B 448 -66.18 -42.80 -16.12
#